data_6GLX
#
_entry.id   6GLX
#
_cell.length_a   41.326
_cell.length_b   150.449
_cell.length_c   94.504
_cell.angle_alpha   90.00
_cell.angle_beta   96.31
_cell.angle_gamma   90.00
#
_symmetry.space_group_name_H-M   'P 1 21 1'
#
loop_
_entity.id
_entity.type
_entity.pdbx_description
1 polymer Galectin-10
2 polymer 'Fab 4E8 - Heavy chain'
3 polymer 'Fab 4E8 - Light chain'
#
loop_
_entity_poly.entity_id
_entity_poly.type
_entity_poly.pdbx_seq_one_letter_code
_entity_poly.pdbx_strand_id
1 'polypeptide(L)'
;MASTTHHHHHHDTDIPTTGGGSRPDDDDKENLYFQGHMSLLPVPYTEAASLSTGSTVTIKGRPLACFLNEPYLQVDFHTE
MKEESDIVFHFQVCFGRRVVMNSREYGAWKQQVESKNMPFQDGQEFELSISVLPDKYQVMVNGQSSYTFDHRIKPEAVKM
VQVWRDISLTKFNVSYLKR
;
A,B
2 'polypeptide(L)'
;QVQRQESGPGLVKPSQTLSLTCTVSGGSITTSYYAWSWIRQPPGKGLEWMGVIASDGSTYYSPSLKSRTSISRDTSKNQF
SLQLSSVTPEDTAVYYCALYIRGSSWSGWSAYDYWGQGTQVTVSSASTKGPSVFPLAPSSKSTSGGTAALGCLVKDYFPE
PVTVSWNSGALTSGVHTFPAVLQSSGLYSLSSVVTVPSSSLGTQTYICNVNHKPSNTKVDKKVEPKSCDKTH
;
C,H
3 'polypeptide(L)'
;QPVLNQPSAVSVSLGQTARITCQGGNFGYYYGSWYQQKPGQAPVLVIYKDSERPSGIPERFSGSSSGGTATLTISRAQAE
DEADYYCQSADSSDNPVFGGGTHLTVLGQPKAAPSVTLFPPSSEELQANKATLVCLISDFYPGAVTVAWKADSSPVKAGV
ETTTPSKQSNNKYAASSYLSLTPEQWKSHRSYSCQVTHEGSTVEKTVAPTECS
;
D,L
#
# COMPACT_ATOMS: atom_id res chain seq x y z
N SER A 39 7.65 39.12 -29.77
CA SER A 39 7.25 39.28 -28.38
C SER A 39 7.19 37.94 -27.66
N LEU A 40 6.55 36.96 -28.29
CA LEU A 40 6.37 35.65 -27.68
C LEU A 40 7.59 34.78 -27.92
N LEU A 41 8.02 34.07 -26.87
CA LEU A 41 9.15 33.17 -27.10
C LEU A 41 8.66 31.80 -27.55
N PRO A 42 9.36 31.17 -28.49
CA PRO A 42 8.93 29.84 -28.95
C PRO A 42 9.06 28.81 -27.84
N VAL A 43 8.04 27.96 -27.74
CA VAL A 43 7.98 26.91 -26.72
C VAL A 43 7.87 25.57 -27.45
N PRO A 44 8.73 24.58 -27.15
CA PRO A 44 9.83 24.57 -26.18
C PRO A 44 10.92 25.61 -26.45
N TYR A 45 11.35 26.31 -25.40
CA TYR A 45 12.41 27.30 -25.50
C TYR A 45 13.69 26.67 -24.95
N THR A 46 14.73 26.66 -25.77
CA THR A 46 16.00 26.06 -25.42
C THR A 46 17.10 27.11 -25.53
N GLU A 47 17.84 27.31 -24.45
CA GLU A 47 18.87 28.34 -24.40
C GLU A 47 20.11 27.77 -23.73
N ALA A 48 21.27 28.01 -24.33
CA ALA A 48 22.53 27.68 -23.69
C ALA A 48 22.79 28.62 -22.52
N ALA A 49 23.24 28.06 -21.41
CA ALA A 49 23.52 28.88 -20.23
C ALA A 49 24.42 28.10 -19.28
N SER A 50 25.19 28.83 -18.49
CA SER A 50 26.01 28.27 -17.44
C SER A 50 25.77 29.08 -16.17
N LEU A 51 25.55 28.39 -15.06
CA LEU A 51 25.14 29.02 -13.82
C LEU A 51 26.18 28.76 -12.73
N SER A 52 26.11 29.59 -11.69
CA SER A 52 27.00 29.48 -10.54
C SER A 52 26.31 30.10 -9.34
N THR A 53 26.99 30.04 -8.20
CA THR A 53 26.44 30.63 -6.98
C THR A 53 26.15 32.11 -7.18
N GLY A 54 24.88 32.48 -7.17
CA GLY A 54 24.46 33.83 -7.49
C GLY A 54 23.59 33.93 -8.72
N SER A 55 23.52 32.89 -9.54
CA SER A 55 22.72 32.93 -10.75
C SER A 55 21.24 32.86 -10.44
N THR A 56 20.44 33.58 -11.21
CA THR A 56 19.00 33.59 -11.07
C THR A 56 18.35 33.43 -12.43
N VAL A 57 17.44 32.47 -12.54
CA VAL A 57 16.76 32.16 -13.79
C VAL A 57 15.37 32.77 -13.74
N THR A 58 15.09 33.68 -14.66
CA THR A 58 13.84 34.44 -14.68
C THR A 58 12.94 33.95 -15.79
N ILE A 59 11.69 33.62 -15.43
CA ILE A 59 10.69 33.14 -16.38
C ILE A 59 9.44 34.01 -16.22
N LYS A 60 8.89 34.47 -17.34
CA LYS A 60 7.68 35.27 -17.36
C LYS A 60 6.75 34.73 -18.44
N GLY A 61 5.63 34.16 -18.03
CA GLY A 61 4.72 33.57 -18.98
C GLY A 61 3.32 33.42 -18.40
N ARG A 62 2.47 32.77 -19.20
CA ARG A 62 1.08 32.52 -18.85
C ARG A 62 0.69 31.10 -19.24
N PRO A 63 -0.03 30.38 -18.37
CA PRO A 63 -0.52 29.05 -18.74
C PRO A 63 -1.49 29.13 -19.91
N LEU A 64 -1.53 28.07 -20.69
CA LEU A 64 -2.40 28.00 -21.88
C LEU A 64 -3.77 27.42 -21.59
N ALA A 65 -4.05 27.01 -20.35
CA ALA A 65 -5.33 26.40 -20.04
C ALA A 65 -5.77 26.81 -18.63
N CYS A 66 -7.06 26.69 -18.38
CA CYS A 66 -7.59 26.93 -17.05
C CYS A 66 -7.10 25.86 -16.08
N PHE A 67 -7.03 26.21 -14.80
CA PHE A 67 -6.47 25.32 -13.80
C PHE A 67 -7.26 24.03 -13.66
N LEU A 68 -8.56 24.06 -13.98
CA LEU A 68 -9.37 22.85 -13.86
C LEU A 68 -8.90 21.75 -14.80
N ASN A 69 -8.45 22.13 -16.00
CA ASN A 69 -7.94 21.14 -16.96
C ASN A 69 -6.49 20.73 -16.66
N GLU A 70 -5.88 21.31 -15.63
CA GLU A 70 -4.55 20.94 -15.14
C GLU A 70 -3.46 21.02 -16.21
N PRO A 71 -3.14 22.21 -16.72
CA PRO A 71 -1.93 22.34 -17.53
C PRO A 71 -0.68 22.16 -16.69
N TYR A 72 0.40 21.76 -17.35
CA TYR A 72 1.68 21.56 -16.69
C TYR A 72 2.67 22.64 -17.12
N LEU A 73 3.68 22.87 -16.28
CA LEU A 73 4.83 23.70 -16.59
C LEU A 73 6.09 22.97 -16.14
N GLN A 74 7.10 22.92 -17.01
CA GLN A 74 8.33 22.19 -16.72
C GLN A 74 9.54 23.06 -17.02
N VAL A 75 10.51 23.06 -16.10
CA VAL A 75 11.79 23.72 -16.26
C VAL A 75 12.89 22.72 -15.94
N ASP A 76 13.75 22.44 -16.91
CA ASP A 76 14.81 21.44 -16.77
C ASP A 76 16.17 22.07 -17.05
N PHE A 77 17.11 21.87 -16.13
CA PHE A 77 18.49 22.34 -16.27
C PHE A 77 19.35 21.16 -16.73
N HIS A 78 19.83 21.23 -17.96
CA HIS A 78 20.55 20.12 -18.58
C HIS A 78 22.06 20.33 -18.57
N THR A 79 22.77 19.21 -18.65
CA THR A 79 24.23 19.22 -18.70
C THR A 79 24.77 19.37 -20.12
N GLU A 80 23.95 19.11 -21.14
CA GLU A 80 24.35 19.26 -22.53
C GLU A 80 23.22 19.92 -23.29
N MET A 81 23.52 20.37 -24.52
CA MET A 81 22.50 20.99 -25.36
C MET A 81 21.48 19.98 -25.83
N LYS A 82 21.84 18.69 -25.91
CA LYS A 82 20.90 17.66 -26.29
C LYS A 82 19.84 17.50 -25.19
N GLU A 83 18.57 17.46 -25.60
CA GLU A 83 17.48 17.37 -24.64
C GLU A 83 17.45 16.04 -23.90
N GLU A 84 18.06 15.00 -24.45
CA GLU A 84 18.16 13.71 -23.76
C GLU A 84 19.26 13.69 -22.71
N SER A 85 20.03 14.76 -22.57
CA SER A 85 21.10 14.81 -21.58
C SER A 85 20.53 14.79 -20.16
N ASP A 86 21.44 14.64 -19.19
CA ASP A 86 21.05 14.61 -17.79
C ASP A 86 20.41 15.93 -17.38
N ILE A 87 19.61 15.87 -16.32
CA ILE A 87 18.91 17.03 -15.79
C ILE A 87 19.46 17.34 -14.41
N VAL A 88 20.08 18.52 -14.27
CA VAL A 88 20.58 18.92 -12.96
C VAL A 88 19.43 19.31 -12.05
N PHE A 89 18.44 20.03 -12.59
CA PHE A 89 17.30 20.50 -11.81
C PHE A 89 16.05 20.36 -12.66
N HIS A 90 15.12 19.51 -12.21
CA HIS A 90 13.85 19.30 -12.89
C HIS A 90 12.75 19.95 -12.07
N PHE A 91 11.98 20.82 -12.69
CA PHE A 91 10.95 21.61 -12.01
C PHE A 91 9.65 21.48 -12.79
N GLN A 92 8.73 20.64 -12.30
CA GLN A 92 7.48 20.36 -12.98
C GLN A 92 6.30 20.83 -12.13
N VAL A 93 5.50 21.74 -12.68
CA VAL A 93 4.32 22.25 -12.00
C VAL A 93 3.08 21.61 -12.62
N CYS A 94 2.21 21.08 -11.78
CA CYS A 94 0.85 20.71 -12.18
C CYS A 94 -0.07 21.79 -11.64
N PHE A 95 -0.39 22.77 -12.48
CA PHE A 95 -1.12 23.95 -12.04
C PHE A 95 -2.40 23.58 -11.32
N GLY A 96 -2.56 24.10 -10.10
CA GLY A 96 -3.73 23.85 -9.31
C GLY A 96 -3.68 22.62 -8.43
N ARG A 97 -2.72 21.72 -8.65
CA ARG A 97 -2.61 20.49 -7.88
C ARG A 97 -1.34 20.42 -7.04
N ARG A 98 -0.17 20.51 -7.67
CA ARG A 98 1.08 20.29 -6.93
C ARG A 98 2.25 20.72 -7.81
N VAL A 99 3.43 20.69 -7.22
CA VAL A 99 4.70 20.90 -7.91
C VAL A 99 5.67 19.81 -7.46
N VAL A 100 6.34 19.19 -8.43
CA VAL A 100 7.31 18.14 -8.15
C VAL A 100 8.66 18.53 -8.74
N MET A 101 9.72 18.22 -8.01
CA MET A 101 11.08 18.51 -8.44
C MET A 101 11.95 17.28 -8.26
N ASN A 102 12.94 17.14 -9.14
CA ASN A 102 13.83 16.00 -9.12
C ASN A 102 15.09 16.34 -9.91
N SER A 103 15.97 15.36 -10.05
CA SER A 103 17.15 15.47 -10.88
C SER A 103 17.35 14.16 -11.62
N ARG A 104 17.97 14.23 -12.79
CA ARG A 104 18.28 13.05 -13.59
C ARG A 104 19.79 12.96 -13.74
N GLU A 105 20.38 11.91 -13.16
CA GLU A 105 21.81 11.69 -13.15
C GLU A 105 22.13 10.43 -13.94
N TYR A 106 22.90 10.57 -15.01
CA TYR A 106 23.20 9.49 -15.93
C TYR A 106 21.93 8.84 -16.47
N GLY A 107 20.96 9.69 -16.83
CA GLY A 107 19.71 9.22 -17.40
C GLY A 107 18.74 8.59 -16.43
N ALA A 108 19.05 8.61 -15.13
CA ALA A 108 18.21 7.97 -14.12
C ALA A 108 17.54 9.04 -13.26
N TRP A 109 16.22 8.95 -13.13
CA TRP A 109 15.49 9.86 -12.24
C TRP A 109 15.80 9.51 -10.78
N LYS A 110 16.11 10.53 -9.99
CA LYS A 110 16.44 10.35 -8.59
C LYS A 110 15.19 10.52 -7.74
N GLN A 111 15.38 10.64 -6.43
CA GLN A 111 14.26 10.80 -5.50
C GLN A 111 13.47 12.07 -5.81
N GLN A 112 12.20 11.90 -6.15
CA GLN A 112 11.34 13.04 -6.41
C GLN A 112 10.91 13.69 -5.10
N VAL A 113 10.96 15.03 -5.09
CA VAL A 113 10.49 15.82 -3.95
C VAL A 113 9.20 16.50 -4.37
N GLU A 114 8.15 16.32 -3.58
CA GLU A 114 6.83 16.81 -3.90
C GLU A 114 6.45 17.96 -2.97
N SER A 115 5.80 18.98 -3.53
CA SER A 115 5.31 20.11 -2.76
C SER A 115 3.89 20.44 -3.21
N LYS A 116 3.01 20.69 -2.23
CA LYS A 116 1.61 20.99 -2.50
C LYS A 116 1.32 22.49 -2.53
N ASN A 117 2.30 23.33 -2.22
CA ASN A 117 2.12 24.77 -2.26
C ASN A 117 1.88 25.23 -3.70
N MET A 118 0.76 25.91 -3.92
CA MET A 118 0.36 26.37 -5.25
C MET A 118 0.04 27.86 -5.17
N PRO A 119 1.07 28.71 -5.10
CA PRO A 119 0.82 30.16 -5.09
C PRO A 119 0.38 30.72 -6.43
N PHE A 120 0.59 29.98 -7.52
CA PHE A 120 0.18 30.45 -8.84
C PHE A 120 -1.33 30.61 -8.88
N GLN A 121 -1.79 31.69 -9.52
CA GLN A 121 -3.21 32.02 -9.57
C GLN A 121 -3.76 31.74 -10.96
N ASP A 122 -4.98 31.24 -11.00
CA ASP A 122 -5.59 30.76 -12.24
C ASP A 122 -5.69 31.89 -13.28
N GLY A 123 -5.20 31.60 -14.48
CA GLY A 123 -5.34 32.50 -15.61
C GLY A 123 -4.61 33.81 -15.52
N GLN A 124 -3.75 34.00 -14.52
CA GLN A 124 -3.01 35.25 -14.35
C GLN A 124 -1.55 35.02 -14.73
N GLU A 125 -0.94 36.03 -15.35
CA GLU A 125 0.47 35.94 -15.72
C GLU A 125 1.34 35.86 -14.47
N PHE A 126 2.41 35.07 -14.55
CA PHE A 126 3.31 34.83 -13.44
C PHE A 126 4.72 35.29 -13.77
N GLU A 127 5.50 35.55 -12.72
CA GLU A 127 6.93 35.74 -12.82
C GLU A 127 7.61 34.66 -11.99
N LEU A 128 8.43 33.84 -12.63
CA LEU A 128 9.09 32.72 -11.99
C LEU A 128 10.59 32.99 -11.96
N SER A 129 11.17 32.98 -10.75
CA SER A 129 12.59 33.22 -10.56
C SER A 129 13.19 32.10 -9.72
N ILE A 130 14.27 31.52 -10.20
CA ILE A 130 14.99 30.45 -9.50
C ILE A 130 16.36 30.99 -9.15
N SER A 131 16.59 31.25 -7.86
CA SER A 131 17.84 31.81 -7.37
C SER A 131 18.76 30.70 -6.89
N VAL A 132 20.00 30.72 -7.38
CA VAL A 132 20.99 29.71 -7.03
C VAL A 132 21.76 30.17 -5.81
N LEU A 133 21.72 29.37 -4.75
CA LEU A 133 22.45 29.58 -3.52
C LEU A 133 23.57 28.56 -3.40
N PRO A 134 24.51 28.75 -2.47
CA PRO A 134 25.60 27.75 -2.33
C PRO A 134 25.10 26.37 -1.97
N ASP A 135 24.04 26.26 -1.16
CA ASP A 135 23.56 24.96 -0.70
C ASP A 135 22.27 24.50 -1.36
N LYS A 136 21.48 25.40 -1.95
CA LYS A 136 20.17 25.03 -2.47
C LYS A 136 19.76 26.01 -3.55
N TYR A 137 18.54 25.82 -4.06
CA TYR A 137 17.89 26.76 -4.96
C TYR A 137 16.82 27.55 -4.22
N GLN A 138 16.54 28.75 -4.71
CA GLN A 138 15.49 29.60 -4.15
C GLN A 138 14.52 29.96 -5.27
N VAL A 139 13.35 29.32 -5.26
CA VAL A 139 12.33 29.53 -6.27
C VAL A 139 11.29 30.48 -5.69
N MET A 140 11.25 31.70 -6.22
CA MET A 140 10.28 32.71 -5.79
C MET A 140 9.14 32.79 -6.80
N VAL A 141 7.93 32.99 -6.29
CA VAL A 141 6.76 33.18 -7.13
C VAL A 141 6.29 34.61 -6.93
N ASN A 142 6.54 35.46 -7.93
CA ASN A 142 6.28 36.90 -7.83
C ASN A 142 7.01 37.50 -6.64
N GLY A 143 8.26 37.10 -6.46
CA GLY A 143 9.02 37.55 -5.31
C GLY A 143 8.61 36.94 -3.99
N GLN A 144 7.95 35.78 -4.01
CA GLN A 144 7.46 35.12 -2.80
C GLN A 144 7.94 33.69 -2.79
N SER A 145 8.65 33.31 -1.72
CA SER A 145 9.27 32.00 -1.64
C SER A 145 8.22 30.88 -1.57
N SER A 146 8.41 29.86 -2.40
CA SER A 146 7.48 28.75 -2.42
C SER A 146 8.14 27.38 -2.31
N TYR A 147 9.30 27.20 -2.94
CA TYR A 147 9.97 25.90 -2.96
C TYR A 147 11.47 26.07 -2.85
N THR A 148 12.12 25.02 -2.33
CA THR A 148 13.58 24.95 -2.25
C THR A 148 14.02 23.57 -2.72
N PHE A 149 15.26 23.50 -3.21
CA PHE A 149 15.80 22.25 -3.75
C PHE A 149 17.29 22.22 -3.47
N ASP A 150 17.70 21.38 -2.53
CA ASP A 150 19.11 21.27 -2.18
C ASP A 150 19.90 20.69 -3.35
N HIS A 151 21.12 21.20 -3.54
CA HIS A 151 21.92 20.79 -4.68
C HIS A 151 22.25 19.30 -4.61
N ARG A 152 22.00 18.60 -5.70
CA ARG A 152 22.46 17.24 -5.91
C ARG A 152 23.56 17.13 -6.96
N ILE A 153 23.55 18.04 -7.93
CA ILE A 153 24.63 18.21 -8.90
C ILE A 153 25.03 19.68 -8.86
N LYS A 154 26.33 19.94 -8.81
CA LYS A 154 26.81 21.30 -8.65
C LYS A 154 26.35 22.15 -9.83
N PRO A 155 25.89 23.38 -9.58
CA PRO A 155 25.23 24.15 -10.64
C PRO A 155 26.12 24.48 -11.83
N GLU A 156 27.45 24.33 -11.69
CA GLU A 156 28.35 24.58 -12.81
C GLU A 156 28.19 23.57 -13.93
N ALA A 157 27.51 22.45 -13.67
CA ALA A 157 27.27 21.44 -14.71
C ALA A 157 26.18 21.83 -15.69
N VAL A 158 25.43 22.89 -15.40
CA VAL A 158 24.36 23.30 -16.31
C VAL A 158 24.95 23.90 -17.57
N LYS A 159 24.56 23.36 -18.72
CA LYS A 159 24.94 23.93 -20.01
C LYS A 159 23.74 24.29 -20.87
N MET A 160 22.53 23.85 -20.52
CA MET A 160 21.35 24.16 -21.30
C MET A 160 20.15 24.27 -20.36
N VAL A 161 19.29 25.24 -20.63
CA VAL A 161 18.04 25.41 -19.92
C VAL A 161 16.90 25.37 -20.92
N GLN A 162 15.90 24.55 -20.66
CA GLN A 162 14.75 24.41 -21.55
C GLN A 162 13.47 24.68 -20.79
N VAL A 163 12.62 25.53 -21.36
CA VAL A 163 11.29 25.80 -20.82
C VAL A 163 10.28 25.25 -21.82
N TRP A 164 9.47 24.29 -21.38
CA TRP A 164 8.52 23.62 -22.26
C TRP A 164 7.45 23.00 -21.38
N ARG A 165 6.19 23.41 -21.59
CA ARG A 165 4.98 22.60 -21.38
C ARG A 165 3.78 23.46 -21.77
N ASP A 166 2.56 23.02 -21.40
CA ASP A 166 1.37 23.73 -21.85
C ASP A 166 1.26 25.10 -21.19
N ILE A 167 2.20 25.99 -21.53
CA ILE A 167 2.23 27.36 -21.04
C ILE A 167 2.73 28.26 -22.16
N SER A 168 2.33 29.52 -22.12
CA SER A 168 2.90 30.52 -22.99
C SER A 168 4.08 31.19 -22.30
N LEU A 169 5.09 31.54 -23.08
CA LEU A 169 6.32 32.12 -22.56
C LEU A 169 6.56 33.48 -23.21
N THR A 170 6.84 34.48 -22.40
CA THR A 170 7.03 35.85 -22.87
C THR A 170 8.42 36.41 -22.60
N LYS A 171 9.06 36.01 -21.51
CA LYS A 171 10.36 36.56 -21.15
C LYS A 171 11.20 35.49 -20.47
N PHE A 172 12.51 35.52 -20.74
CA PHE A 172 13.44 34.59 -20.10
C PHE A 172 14.79 35.26 -20.02
N ASN A 173 15.30 35.46 -18.80
CA ASN A 173 16.55 36.16 -18.59
C ASN A 173 17.28 35.51 -17.43
N VAL A 174 18.62 35.55 -17.48
CA VAL A 174 19.47 35.07 -16.41
C VAL A 174 20.21 36.27 -15.83
N SER A 175 20.07 36.47 -14.52
CA SER A 175 20.72 37.57 -13.82
C SER A 175 21.80 37.04 -12.88
N TYR A 176 22.72 37.92 -12.51
CA TYR A 176 23.85 37.55 -11.67
C TYR A 176 23.96 38.55 -10.49
N SER B 39 1.21 25.30 -42.23
CA SER B 39 1.14 23.85 -42.12
C SER B 39 0.59 23.41 -40.76
N LEU B 40 1.12 24.00 -39.71
CA LEU B 40 0.74 23.63 -38.35
C LEU B 40 -0.53 24.34 -37.91
N LEU B 41 -1.40 23.59 -37.23
CA LEU B 41 -2.66 23.97 -36.61
C LEU B 41 -2.40 24.48 -35.20
N PRO B 42 -3.13 25.51 -34.75
CA PRO B 42 -2.85 26.07 -33.42
C PRO B 42 -3.13 25.06 -32.32
N VAL B 43 -2.21 24.99 -31.35
CA VAL B 43 -2.32 24.11 -30.21
C VAL B 43 -2.23 24.97 -28.95
N PRO B 44 -3.18 24.85 -28.01
CA PRO B 44 -4.38 24.01 -27.96
C PRO B 44 -5.37 24.28 -29.09
N TYR B 45 -5.89 23.21 -29.70
CA TYR B 45 -6.88 23.32 -30.77
C TYR B 45 -8.26 22.97 -30.22
N THR B 46 -9.20 23.89 -30.38
CA THR B 46 -10.57 23.73 -29.90
C THR B 46 -11.53 23.88 -31.07
N GLU B 47 -12.35 22.87 -31.31
CA GLU B 47 -13.28 22.87 -32.44
C GLU B 47 -14.63 22.30 -32.01
N ALA B 48 -15.70 22.97 -32.46
CA ALA B 48 -17.04 22.44 -32.27
C ALA B 48 -17.23 21.18 -33.09
N ALA B 49 -17.87 20.18 -32.48
CA ALA B 49 -18.13 18.92 -33.17
C ALA B 49 -19.23 18.17 -32.44
N SER B 50 -19.95 17.34 -33.18
CA SER B 50 -20.96 16.44 -32.63
C SER B 50 -20.75 15.05 -33.23
N LEU B 51 -20.75 14.03 -32.38
CA LEU B 51 -20.40 12.69 -32.80
C LEU B 51 -21.56 11.73 -32.56
N SER B 52 -21.52 10.61 -33.28
CA SER B 52 -22.50 9.54 -33.14
C SER B 52 -21.85 8.26 -33.66
N THR B 53 -22.58 7.15 -33.56
CA THR B 53 -22.10 5.87 -34.06
C THR B 53 -21.80 5.95 -35.55
N GLY B 54 -20.53 5.84 -35.92
CA GLY B 54 -20.07 6.01 -37.29
C GLY B 54 -19.13 7.17 -37.50
N SER B 55 -19.05 8.10 -36.55
CA SER B 55 -18.13 9.22 -36.65
C SER B 55 -16.71 8.77 -36.36
N THR B 56 -15.75 9.35 -37.09
CA THR B 56 -14.34 9.03 -36.91
C THR B 56 -13.56 10.33 -36.85
N VAL B 57 -12.73 10.48 -35.81
CA VAL B 57 -11.96 11.69 -35.59
C VAL B 57 -10.52 11.42 -36.01
N THR B 58 -10.03 12.17 -36.98
CA THR B 58 -8.70 11.95 -37.57
C THR B 58 -7.76 13.05 -37.08
N ILE B 59 -6.64 12.65 -36.49
CA ILE B 59 -5.63 13.57 -35.98
C ILE B 59 -4.28 13.16 -36.54
N LYS B 60 -3.52 14.13 -37.03
CA LYS B 60 -2.18 13.90 -37.58
C LYS B 60 -1.23 14.95 -37.00
N GLY B 61 -0.27 14.50 -36.19
CA GLY B 61 0.66 15.41 -35.58
C GLY B 61 1.93 14.71 -35.15
N ARG B 62 2.81 15.46 -34.49
CA ARG B 62 4.09 14.95 -34.03
C ARG B 62 4.40 15.48 -32.63
N PRO B 63 4.91 14.63 -31.73
CA PRO B 63 5.30 15.11 -30.40
C PRO B 63 6.41 16.14 -30.47
N LEU B 64 6.43 17.04 -29.49
CA LEU B 64 7.41 18.11 -29.42
C LEU B 64 8.65 17.76 -28.62
N ALA B 65 8.72 16.55 -28.06
CA ALA B 65 9.87 16.16 -27.26
C ALA B 65 10.16 14.68 -27.43
N CYS B 66 11.39 14.29 -27.13
CA CYS B 66 11.76 12.89 -27.12
C CYS B 66 11.04 12.16 -25.99
N PHE B 67 10.84 10.85 -26.18
CA PHE B 67 10.06 10.07 -25.23
C PHE B 67 10.69 10.04 -23.84
N LEU B 68 12.01 10.18 -23.76
CA LEU B 68 12.68 10.14 -22.46
C LEU B 68 12.26 11.33 -21.59
N ASN B 69 12.05 12.49 -22.20
CA ASN B 69 11.60 13.66 -21.46
C ASN B 69 10.11 13.62 -21.16
N GLU B 70 9.41 12.59 -21.62
CA GLU B 70 8.01 12.32 -21.34
C GLU B 70 7.12 13.49 -21.74
N PRO B 71 7.02 13.82 -23.02
CA PRO B 71 5.96 14.74 -23.45
C PRO B 71 4.62 14.06 -23.32
N TYR B 72 3.58 14.86 -23.16
CA TYR B 72 2.24 14.31 -23.05
C TYR B 72 1.43 14.70 -24.28
N LEU B 73 0.40 13.90 -24.55
CA LEU B 73 -0.63 14.26 -25.53
C LEU B 73 -1.98 13.97 -24.90
N GLN B 74 -2.88 14.95 -24.98
CA GLN B 74 -4.19 14.83 -24.35
C GLN B 74 -5.27 15.18 -25.36
N VAL B 75 -6.32 14.36 -25.40
CA VAL B 75 -7.48 14.59 -26.25
C VAL B 75 -8.71 14.53 -25.36
N ASP B 76 -9.46 15.63 -25.31
CA ASP B 76 -10.61 15.75 -24.43
C ASP B 76 -11.85 16.06 -25.25
N PHE B 77 -12.91 15.29 -25.04
CA PHE B 77 -14.19 15.50 -25.70
C PHE B 77 -15.09 16.24 -24.71
N HIS B 78 -15.40 17.49 -25.01
CA HIS B 78 -16.13 18.35 -24.09
C HIS B 78 -17.61 18.39 -24.45
N THR B 79 -18.43 18.70 -23.44
CA THR B 79 -19.87 18.81 -23.61
C THR B 79 -20.31 20.19 -24.08
N GLU B 80 -19.47 21.20 -23.92
CA GLU B 80 -19.78 22.55 -24.36
C GLU B 80 -18.53 23.16 -24.99
N MET B 81 -18.70 24.30 -25.65
CA MET B 81 -17.56 24.98 -26.26
C MET B 81 -16.60 25.51 -25.21
N LYS B 82 -17.10 25.81 -24.01
CA LYS B 82 -16.22 26.20 -22.92
C LYS B 82 -15.38 25.01 -22.47
N GLU B 83 -14.08 25.23 -22.34
CA GLU B 83 -13.18 24.13 -21.98
C GLU B 83 -13.40 23.66 -20.54
N GLU B 84 -14.02 24.49 -19.70
CA GLU B 84 -14.32 24.09 -18.33
C GLU B 84 -15.52 23.14 -18.25
N SER B 85 -16.19 22.88 -19.37
CA SER B 85 -17.32 21.97 -19.37
C SER B 85 -16.86 20.55 -19.07
N ASP B 86 -17.84 19.68 -18.82
CA ASP B 86 -17.54 18.28 -18.54
C ASP B 86 -16.88 17.61 -19.75
N ILE B 87 -16.16 16.54 -19.47
CA ILE B 87 -15.43 15.79 -20.49
C ILE B 87 -16.07 14.41 -20.62
N VAL B 88 -16.63 14.12 -21.79
CA VAL B 88 -17.22 12.80 -22.03
C VAL B 88 -16.11 11.76 -22.17
N PHE B 89 -15.03 12.10 -22.87
CA PHE B 89 -13.94 11.17 -23.12
C PHE B 89 -12.63 11.90 -22.96
N HIS B 90 -11.85 11.49 -21.97
CA HIS B 90 -10.54 12.06 -21.69
C HIS B 90 -9.47 11.05 -22.10
N PHE B 91 -8.56 11.48 -22.98
CA PHE B 91 -7.53 10.61 -23.54
C PHE B 91 -6.19 11.33 -23.41
N GLN B 92 -5.41 10.93 -22.40
CA GLN B 92 -4.13 11.58 -22.10
C GLN B 92 -3.02 10.53 -22.22
N VAL B 93 -2.05 10.82 -23.10
CA VAL B 93 -0.92 9.93 -23.33
C VAL B 93 0.30 10.48 -22.62
N CYS B 94 0.99 9.61 -21.87
CA CYS B 94 2.33 9.90 -21.37
C CYS B 94 3.30 9.13 -22.27
N PHE B 95 3.84 9.83 -23.26
CA PHE B 95 4.67 9.19 -24.27
C PHE B 95 5.82 8.41 -23.65
N GLY B 96 5.92 7.13 -24.02
CA GLY B 96 6.98 6.27 -23.56
C GLY B 96 6.68 5.50 -22.29
N ARG B 97 5.66 5.87 -21.53
CA ARG B 97 5.35 5.16 -20.29
C ARG B 97 4.00 4.45 -20.35
N ARG B 98 2.91 5.16 -20.59
CA ARG B 98 1.58 4.56 -20.53
C ARG B 98 0.57 5.53 -21.13
N VAL B 99 -0.67 5.05 -21.24
CA VAL B 99 -1.81 5.86 -21.68
C VAL B 99 -2.96 5.62 -20.71
N VAL B 100 -3.58 6.70 -20.25
CA VAL B 100 -4.69 6.63 -19.30
C VAL B 100 -5.90 7.33 -19.90
N MET B 101 -7.09 6.80 -19.62
CA MET B 101 -8.34 7.36 -20.10
C MET B 101 -9.32 7.48 -18.93
N ASN B 102 -10.17 8.50 -18.99
CA ASN B 102 -11.13 8.78 -17.93
C ASN B 102 -12.22 9.67 -18.48
N SER B 103 -13.13 10.09 -17.60
CA SER B 103 -14.18 11.05 -17.93
C SER B 103 -14.37 11.99 -16.74
N ARG B 104 -14.82 13.20 -17.03
CA ARG B 104 -15.15 14.18 -16.00
C ARG B 104 -16.64 14.49 -16.10
N GLU B 105 -17.39 14.10 -15.07
CA GLU B 105 -18.84 14.26 -15.03
C GLU B 105 -19.19 15.20 -13.90
N TYR B 106 -19.83 16.33 -14.23
CA TYR B 106 -20.15 17.39 -13.28
C TYR B 106 -18.89 17.86 -12.54
N GLY B 107 -17.80 18.01 -13.30
CA GLY B 107 -16.55 18.49 -12.74
C GLY B 107 -15.78 17.48 -11.92
N ALA B 108 -16.26 16.23 -11.83
CA ALA B 108 -15.63 15.21 -11.01
C ALA B 108 -15.00 14.16 -11.89
N TRP B 109 -13.72 13.88 -11.66
CA TRP B 109 -13.02 12.82 -12.39
C TRP B 109 -13.52 11.46 -11.92
N LYS B 110 -13.84 10.59 -12.87
CA LYS B 110 -14.35 9.26 -12.57
C LYS B 110 -13.20 8.26 -12.54
N GLN B 111 -13.54 6.98 -12.56
CA GLN B 111 -12.53 5.92 -12.50
C GLN B 111 -11.58 6.01 -13.70
N GLN B 112 -10.30 6.25 -13.41
CA GLN B 112 -9.29 6.29 -14.46
C GLN B 112 -8.91 4.88 -14.88
N VAL B 113 -8.79 4.67 -16.19
CA VAL B 113 -8.37 3.39 -16.75
C VAL B 113 -6.95 3.54 -17.28
N GLU B 114 -6.08 2.62 -16.90
CA GLU B 114 -4.67 2.67 -17.24
C GLU B 114 -4.34 1.64 -18.30
N SER B 115 -3.55 2.05 -19.29
CA SER B 115 -3.09 1.16 -20.35
C SER B 115 -1.62 1.41 -20.62
N LYS B 116 -0.84 0.34 -20.75
CA LYS B 116 0.59 0.44 -21.01
C LYS B 116 0.93 0.28 -22.48
N ASN B 117 -0.04 0.01 -23.34
CA ASN B 117 0.22 -0.12 -24.77
C ASN B 117 0.71 1.21 -25.32
N MET B 118 1.91 1.21 -25.89
CA MET B 118 2.56 2.42 -26.39
C MET B 118 3.04 2.17 -27.82
N PRO B 119 2.11 2.16 -28.79
CA PRO B 119 2.54 2.01 -30.19
C PRO B 119 3.23 3.24 -30.75
N PHE B 120 3.13 4.38 -30.06
CA PHE B 120 3.77 5.60 -30.51
C PHE B 120 5.29 5.42 -30.56
N GLN B 121 5.89 5.93 -31.62
CA GLN B 121 7.32 5.79 -31.85
C GLN B 121 8.02 7.11 -31.61
N ASP B 122 9.20 7.05 -31.01
CA ASP B 122 9.91 8.27 -30.59
C ASP B 122 10.22 9.14 -31.80
N GLY B 123 9.85 10.42 -31.71
CA GLY B 123 10.19 11.39 -32.73
C GLY B 123 9.55 11.16 -34.08
N GLN B 124 8.61 10.23 -34.18
CA GLN B 124 7.95 9.92 -35.44
C GLN B 124 6.53 10.46 -35.45
N GLU B 125 6.08 10.91 -36.62
CA GLU B 125 4.73 11.43 -36.76
C GLU B 125 3.71 10.34 -36.47
N PHE B 126 2.60 10.72 -35.85
CA PHE B 126 1.54 9.78 -35.50
C PHE B 126 0.26 10.14 -36.23
N GLU B 127 -0.58 9.14 -36.44
CA GLU B 127 -1.94 9.31 -36.93
C GLU B 127 -2.89 8.73 -35.89
N LEU B 128 -3.77 9.55 -35.35
CA LEU B 128 -4.70 9.14 -34.30
C LEU B 128 -6.11 9.15 -34.86
N SER B 129 -6.77 7.99 -34.78
CA SER B 129 -8.15 7.85 -35.23
C SER B 129 -8.95 7.22 -34.10
N ILE B 130 -10.06 7.85 -33.75
CA ILE B 130 -10.95 7.38 -32.69
C ILE B 130 -12.27 7.01 -33.33
N SER B 131 -12.58 5.71 -33.36
CA SER B 131 -13.80 5.22 -33.96
C SER B 131 -14.88 5.09 -32.90
N VAL B 132 -16.04 5.69 -33.16
CA VAL B 132 -17.14 5.67 -32.22
C VAL B 132 -18.01 4.45 -32.49
N LEU B 133 -18.18 3.60 -31.49
CA LEU B 133 -19.01 2.42 -31.55
C LEU B 133 -20.26 2.64 -30.70
N PRO B 134 -21.29 1.79 -30.86
CA PRO B 134 -22.50 1.94 -30.03
C PRO B 134 -22.24 1.74 -28.55
N ASP B 135 -21.31 0.85 -28.19
CA ASP B 135 -21.07 0.53 -26.79
C ASP B 135 -19.80 1.15 -26.23
N LYS B 136 -18.84 1.54 -27.07
CA LYS B 136 -17.54 2.00 -26.59
C LYS B 136 -16.90 2.88 -27.64
N TYR B 137 -15.67 3.29 -27.37
CA TYR B 137 -14.82 3.93 -28.36
C TYR B 137 -13.77 2.95 -28.84
N GLN B 138 -13.33 3.14 -30.08
CA GLN B 138 -12.27 2.34 -30.68
C GLN B 138 -11.20 3.31 -31.16
N VAL B 139 -10.10 3.41 -30.41
CA VAL B 139 -9.03 4.35 -30.69
C VAL B 139 -7.91 3.60 -31.40
N MET B 140 -7.69 3.93 -32.68
CA MET B 140 -6.61 3.35 -33.44
C MET B 140 -5.45 4.33 -33.52
N VAL B 141 -4.24 3.79 -33.48
CA VAL B 141 -3.01 4.57 -33.55
C VAL B 141 -2.33 4.23 -34.87
N ASN B 142 -2.28 5.20 -35.78
CA ASN B 142 -1.79 5.00 -37.15
C ASN B 142 -2.65 3.96 -37.88
N GLY B 143 -3.96 4.07 -37.70
CA GLY B 143 -4.90 3.16 -38.33
C GLY B 143 -4.88 1.76 -37.75
N GLN B 144 -4.35 1.59 -36.55
CA GLN B 144 -4.22 0.28 -35.93
C GLN B 144 -4.78 0.36 -34.51
N SER B 145 -5.74 -0.50 -34.20
CA SER B 145 -6.43 -0.41 -32.92
C SER B 145 -5.47 -0.66 -31.77
N SER B 146 -5.51 0.24 -30.77
CA SER B 146 -4.64 0.15 -29.61
C SER B 146 -5.38 0.25 -28.29
N TYR B 147 -6.46 1.04 -28.22
CA TYR B 147 -7.17 1.25 -26.98
C TYR B 147 -8.66 1.30 -27.23
N THR B 148 -9.43 0.92 -26.20
CA THR B 148 -10.87 1.03 -26.20
C THR B 148 -11.33 1.60 -24.86
N PHE B 149 -12.48 2.27 -24.87
CA PHE B 149 -13.00 2.90 -23.66
C PHE B 149 -14.52 2.88 -23.73
N ASP B 150 -15.14 2.07 -22.87
CA ASP B 150 -16.60 1.93 -22.88
C ASP B 150 -17.27 3.26 -22.52
N HIS B 151 -18.40 3.51 -23.17
CA HIS B 151 -19.11 4.78 -22.99
C HIS B 151 -19.57 4.95 -21.55
N ARG B 152 -19.32 6.14 -20.99
CA ARG B 152 -19.89 6.53 -19.71
C ARG B 152 -20.95 7.62 -19.86
N ILE B 153 -20.81 8.47 -20.88
CA ILE B 153 -21.81 9.44 -21.28
C ILE B 153 -22.06 9.24 -22.76
N LYS B 154 -23.32 9.20 -23.16
CA LYS B 154 -23.60 8.92 -24.56
C LYS B 154 -23.02 10.02 -25.43
N PRO B 155 -22.39 9.67 -26.57
CA PRO B 155 -21.63 10.67 -27.34
C PRO B 155 -22.45 11.82 -27.89
N GLU B 156 -23.79 11.72 -27.90
CA GLU B 156 -24.62 12.80 -28.40
C GLU B 156 -24.53 14.06 -27.54
N ALA B 157 -24.03 13.95 -26.32
CA ALA B 157 -23.83 15.11 -25.45
C ALA B 157 -22.58 15.92 -25.81
N VAL B 158 -21.71 15.38 -26.66
CA VAL B 158 -20.49 16.08 -27.04
C VAL B 158 -20.82 17.25 -27.94
N LYS B 159 -20.31 18.44 -27.59
CA LYS B 159 -20.45 19.62 -28.42
C LYS B 159 -19.11 20.22 -28.86
N MET B 160 -18.00 19.81 -28.27
CA MET B 160 -16.70 20.38 -28.61
C MET B 160 -15.63 19.31 -28.42
N VAL B 161 -14.63 19.33 -29.31
CA VAL B 161 -13.47 18.46 -29.24
C VAL B 161 -12.23 19.35 -29.17
N GLN B 162 -11.35 19.08 -28.20
CA GLN B 162 -10.15 19.86 -27.98
C GLN B 162 -8.92 18.97 -28.05
N VAL B 163 -7.91 19.41 -28.81
CA VAL B 163 -6.61 18.75 -28.87
C VAL B 163 -5.59 19.71 -28.29
N TRP B 164 -4.91 19.26 -27.23
CA TRP B 164 -3.93 20.11 -26.54
C TRP B 164 -2.99 19.20 -25.78
N ARG B 165 -1.69 19.25 -26.12
CA ARG B 165 -0.56 19.00 -25.23
C ARG B 165 0.75 19.14 -25.98
N ASP B 166 1.85 18.65 -25.39
CA ASP B 166 3.18 18.87 -25.95
C ASP B 166 3.35 18.11 -27.26
N ILE B 167 2.59 18.52 -28.28
CA ILE B 167 2.64 17.94 -29.62
C ILE B 167 2.42 19.05 -30.64
N SER B 168 2.94 18.82 -31.85
CA SER B 168 2.61 19.67 -32.98
C SER B 168 1.40 19.10 -33.69
N LEU B 169 0.57 19.99 -34.23
CA LEU B 169 -0.69 19.59 -34.86
C LEU B 169 -0.71 20.06 -36.31
N THR B 170 -1.06 19.14 -37.21
CA THR B 170 -1.09 19.40 -38.64
C THR B 170 -2.46 19.21 -39.28
N LYS B 171 -3.27 18.30 -38.77
CA LYS B 171 -4.56 18.00 -39.38
C LYS B 171 -5.56 17.61 -38.30
N PHE B 172 -6.83 17.95 -38.55
CA PHE B 172 -7.92 17.61 -37.64
C PHE B 172 -9.17 17.43 -38.48
N ASN B 173 -9.81 16.26 -38.39
CA ASN B 173 -10.94 15.94 -39.24
C ASN B 173 -12.03 15.25 -38.44
N VAL B 174 -13.28 15.55 -38.81
CA VAL B 174 -14.46 14.92 -38.22
C VAL B 174 -15.17 14.14 -39.32
N SER B 175 -15.42 12.86 -39.07
CA SER B 175 -16.11 12.02 -40.03
C SER B 175 -17.49 11.61 -39.50
N GLN C 5 -29.72 -17.31 -5.79
CA GLN C 5 -30.41 -17.68 -4.57
C GLN C 5 -29.92 -16.85 -3.38
N GLU C 6 -30.82 -16.15 -2.72
CA GLU C 6 -30.46 -15.29 -1.60
C GLU C 6 -30.74 -15.99 -0.28
N SER C 7 -29.89 -15.71 0.70
CA SER C 7 -30.05 -16.25 2.05
C SER C 7 -29.44 -15.29 3.04
N GLY C 8 -29.91 -15.40 4.29
CA GLY C 8 -29.43 -14.56 5.36
C GLY C 8 -30.49 -13.68 6.00
N PRO C 9 -31.75 -14.12 6.04
CA PRO C 9 -32.82 -13.24 6.50
C PRO C 9 -32.77 -13.06 8.01
N GLY C 10 -33.62 -12.16 8.50
CA GLY C 10 -33.75 -11.94 9.92
C GLY C 10 -33.99 -10.53 10.41
N LEU C 11 -34.39 -10.41 11.67
CA LEU C 11 -34.55 -9.12 12.33
C LEU C 11 -33.27 -8.80 13.09
N VAL C 12 -32.97 -7.51 13.21
CA VAL C 12 -31.77 -7.06 13.90
C VAL C 12 -32.09 -5.84 14.73
N LYS C 13 -31.45 -5.75 15.88
CA LYS C 13 -31.60 -4.61 16.75
C LYS C 13 -30.78 -3.44 16.20
N PRO C 14 -31.24 -2.22 16.40
CA PRO C 14 -30.47 -1.06 15.92
C PRO C 14 -29.05 -1.07 16.48
N SER C 15 -28.14 -0.47 15.72
CA SER C 15 -26.70 -0.36 15.97
C SER C 15 -25.96 -1.66 15.69
N GLN C 16 -26.64 -2.75 15.33
CA GLN C 16 -25.94 -3.98 15.00
C GLN C 16 -25.50 -3.98 13.53
N THR C 17 -24.86 -5.07 13.11
CA THR C 17 -24.41 -5.24 11.74
C THR C 17 -24.82 -6.63 11.27
N LEU C 18 -25.60 -6.70 10.21
CA LEU C 18 -26.08 -7.97 9.66
C LEU C 18 -25.49 -8.21 8.27
N SER C 19 -25.40 -9.49 7.90
CA SER C 19 -24.78 -9.91 6.65
C SER C 19 -25.81 -10.59 5.75
N LEU C 20 -25.69 -10.35 4.45
CA LEU C 20 -26.53 -10.99 3.43
C LEU C 20 -25.65 -11.51 2.31
N THR C 21 -25.94 -12.73 1.85
CA THR C 21 -25.16 -13.40 0.82
C THR C 21 -26.04 -13.82 -0.34
N CYS C 22 -25.41 -13.92 -1.52
CA CYS C 22 -26.07 -14.31 -2.76
C CYS C 22 -25.35 -15.52 -3.33
N THR C 23 -26.11 -16.55 -3.70
CA THR C 23 -25.55 -17.82 -4.13
C THR C 23 -25.29 -17.80 -5.64
N VAL C 24 -24.47 -18.75 -6.09
CA VAL C 24 -23.78 -18.76 -7.39
C VAL C 24 -24.66 -18.38 -8.57
N SER C 25 -25.72 -19.11 -8.83
CA SER C 25 -26.46 -18.77 -10.03
C SER C 25 -27.94 -18.54 -9.81
N GLY C 26 -28.61 -19.38 -9.01
CA GLY C 26 -30.04 -19.26 -8.82
C GLY C 26 -30.84 -19.32 -10.11
N GLY C 27 -30.31 -19.94 -11.15
CA GLY C 27 -31.01 -20.05 -12.41
C GLY C 27 -30.35 -19.33 -13.57
N SER C 28 -29.02 -19.29 -13.59
CA SER C 28 -28.26 -18.58 -14.62
C SER C 28 -27.14 -19.49 -15.12
N ILE C 29 -27.16 -19.77 -16.42
CA ILE C 29 -26.20 -20.66 -17.04
C ILE C 29 -25.00 -19.86 -17.53
N THR C 30 -23.86 -20.56 -17.68
CA THR C 30 -22.61 -20.03 -18.25
C THR C 30 -22.35 -18.58 -17.83
N THR C 31 -22.28 -18.40 -16.52
CA THR C 31 -22.11 -17.10 -15.90
C THR C 31 -20.63 -16.85 -15.57
N SER C 32 -20.06 -15.79 -16.15
CA SER C 32 -18.74 -15.36 -15.67
C SER C 32 -18.85 -14.59 -14.35
N TYR C 33 -20.08 -14.58 -13.82
CA TYR C 33 -20.40 -13.96 -12.54
C TYR C 33 -19.91 -12.52 -12.50
N TYR C 34 -20.46 -11.70 -13.40
CA TYR C 34 -19.98 -10.36 -13.67
C TYR C 34 -20.93 -9.31 -13.12
N ALA C 35 -20.36 -8.30 -12.46
CA ALA C 35 -21.05 -7.08 -12.06
C ALA C 35 -22.22 -7.28 -11.11
N TRP C 36 -21.89 -7.56 -9.85
CA TRP C 36 -22.88 -7.80 -8.79
C TRP C 36 -23.15 -6.50 -8.03
N SER C 37 -24.44 -6.17 -7.88
CA SER C 37 -24.86 -4.95 -7.21
C SER C 37 -25.88 -5.26 -6.13
N TRP C 38 -26.01 -4.32 -5.18
CA TRP C 38 -26.98 -4.39 -4.09
C TRP C 38 -28.00 -3.26 -4.23
N ILE C 39 -29.28 -3.61 -4.29
CA ILE C 39 -30.38 -2.66 -4.31
C ILE C 39 -31.38 -3.04 -3.22
N ARG C 40 -31.80 -2.06 -2.43
CA ARG C 40 -32.76 -2.28 -1.36
C ARG C 40 -34.02 -1.46 -1.60
N GLN C 41 -35.12 -1.89 -1.00
CA GLN C 41 -36.43 -1.26 -1.16
C GLN C 41 -37.08 -1.11 0.21
N PRO C 42 -37.08 0.09 0.79
CA PRO C 42 -37.81 0.30 2.04
C PRO C 42 -39.28 -0.06 1.86
N PRO C 43 -39.93 -0.57 2.93
CA PRO C 43 -41.30 -1.08 2.79
C PRO C 43 -42.26 -0.07 2.18
N GLY C 44 -42.88 -0.44 1.06
CA GLY C 44 -43.78 0.44 0.34
C GLY C 44 -43.12 1.56 -0.42
N LYS C 45 -41.81 1.74 -0.28
CA LYS C 45 -41.08 2.83 -0.91
C LYS C 45 -40.46 2.34 -2.21
N GLY C 46 -39.74 3.25 -2.89
CA GLY C 46 -39.04 2.89 -4.10
C GLY C 46 -37.70 2.25 -3.82
N LEU C 47 -37.07 1.77 -4.90
CA LEU C 47 -35.80 1.09 -4.79
C LEU C 47 -34.70 2.08 -4.47
N GLU C 48 -33.72 1.65 -3.67
CA GLU C 48 -32.62 2.51 -3.25
C GLU C 48 -31.32 1.75 -3.43
N TRP C 49 -30.45 2.29 -4.30
CA TRP C 49 -29.18 1.65 -4.59
C TRP C 49 -28.23 1.71 -3.40
N MET C 50 -27.35 0.72 -3.30
CA MET C 50 -26.40 0.66 -2.19
C MET C 50 -24.95 0.54 -2.64
N GLY C 51 -24.67 -0.27 -3.66
CA GLY C 51 -23.30 -0.45 -4.10
C GLY C 51 -23.24 -1.42 -5.25
N VAL C 52 -22.00 -1.69 -5.68
CA VAL C 52 -21.75 -2.59 -6.80
C VAL C 52 -20.30 -3.06 -6.72
N ILE C 53 -20.03 -4.22 -7.31
CA ILE C 53 -18.69 -4.79 -7.39
C ILE C 53 -18.53 -5.40 -8.78
N ALA C 54 -17.65 -4.82 -9.58
CA ALA C 54 -17.42 -5.24 -10.96
C ALA C 54 -16.19 -6.13 -11.06
N SER C 55 -16.20 -7.01 -12.06
CA SER C 55 -15.01 -7.82 -12.36
C SER C 55 -13.95 -7.01 -13.07
N ASP C 56 -14.35 -6.19 -14.05
CA ASP C 56 -13.40 -5.31 -14.73
C ASP C 56 -12.86 -4.27 -13.75
N GLY C 57 -13.75 -3.47 -13.17
CA GLY C 57 -13.37 -2.50 -12.17
C GLY C 57 -13.16 -3.20 -10.83
N SER C 58 -13.30 -2.43 -9.75
CA SER C 58 -13.13 -2.98 -8.42
C SER C 58 -14.42 -2.95 -7.61
N THR C 59 -14.96 -1.76 -7.33
CA THR C 59 -16.11 -1.57 -6.44
C THR C 59 -16.57 -0.12 -6.57
N TYR C 60 -17.84 0.10 -6.21
CA TYR C 60 -18.36 1.45 -6.04
C TYR C 60 -19.30 1.48 -4.85
N TYR C 61 -19.50 2.66 -4.29
CA TYR C 61 -20.40 2.84 -3.16
C TYR C 61 -21.20 4.13 -3.34
N SER C 62 -22.28 4.23 -2.56
CA SER C 62 -23.13 5.42 -2.50
C SER C 62 -22.70 6.30 -1.33
N PRO C 63 -22.60 7.62 -1.56
CA PRO C 63 -22.05 8.50 -0.50
C PRO C 63 -22.80 8.41 0.82
N SER C 64 -24.14 8.43 0.78
CA SER C 64 -24.93 8.32 2.00
C SER C 64 -24.57 7.07 2.81
N LEU C 65 -24.36 5.95 2.13
CA LEU C 65 -24.09 4.69 2.78
C LEU C 65 -22.62 4.28 2.73
N LYS C 66 -21.77 5.04 2.04
CA LYS C 66 -20.34 4.77 1.88
C LYS C 66 -19.68 4.38 3.20
N SER C 67 -20.01 5.09 4.28
CA SER C 67 -19.34 4.86 5.55
C SER C 67 -19.76 3.54 6.19
N ARG C 68 -20.99 3.09 5.97
CA ARG C 68 -21.55 1.97 6.70
C ARG C 68 -21.59 0.67 5.90
N THR C 69 -21.21 0.69 4.63
CA THR C 69 -21.42 -0.44 3.74
C THR C 69 -20.10 -1.14 3.42
N SER C 70 -20.13 -2.47 3.46
CA SER C 70 -18.98 -3.29 3.11
C SER C 70 -19.44 -4.46 2.25
N ILE C 71 -18.76 -4.68 1.13
CA ILE C 71 -19.09 -5.73 0.19
C ILE C 71 -17.87 -6.61 0.03
N SER C 72 -18.04 -7.91 0.28
CA SER C 72 -16.99 -8.90 0.10
C SER C 72 -17.45 -9.94 -0.91
N ARG C 73 -16.49 -10.69 -1.45
CA ARG C 73 -16.79 -11.75 -2.41
C ARG C 73 -15.83 -12.91 -2.20
N ASP C 74 -16.35 -14.12 -2.38
CA ASP C 74 -15.56 -15.35 -2.29
C ASP C 74 -15.80 -16.12 -3.60
N THR C 75 -14.95 -15.87 -4.60
CA THR C 75 -15.15 -16.49 -5.91
C THR C 75 -15.07 -18.01 -5.83
N SER C 76 -14.24 -18.55 -4.93
CA SER C 76 -14.20 -19.99 -4.75
C SER C 76 -15.53 -20.50 -4.21
N LYS C 77 -16.24 -19.68 -3.44
CA LYS C 77 -17.63 -19.95 -3.09
C LYS C 77 -18.61 -19.37 -4.11
N ASN C 78 -18.10 -18.54 -5.02
CA ASN C 78 -18.91 -17.85 -6.03
C ASN C 78 -20.08 -17.12 -5.40
N GLN C 79 -19.84 -16.55 -4.22
CA GLN C 79 -20.82 -15.71 -3.54
C GLN C 79 -20.17 -14.39 -3.21
N PHE C 80 -20.99 -13.37 -2.99
CA PHE C 80 -20.51 -12.08 -2.52
C PHE C 80 -21.49 -11.57 -1.48
N SER C 81 -20.96 -10.97 -0.43
CA SER C 81 -21.72 -10.71 0.79
C SER C 81 -21.76 -9.23 1.13
N LEU C 82 -22.89 -8.79 1.66
CA LEU C 82 -23.08 -7.43 2.14
C LEU C 82 -22.94 -7.38 3.66
N GLN C 83 -22.35 -6.31 4.15
CA GLN C 83 -22.33 -5.99 5.58
C GLN C 83 -22.69 -4.53 5.72
N LEU C 84 -23.86 -4.25 6.31
CA LEU C 84 -24.33 -2.89 6.55
C LEU C 84 -24.17 -2.61 8.04
N SER C 85 -23.25 -1.70 8.37
CA SER C 85 -22.94 -1.44 9.76
C SER C 85 -23.80 -0.32 10.32
N SER C 86 -23.91 -0.30 11.66
CA SER C 86 -24.68 0.71 12.40
C SER C 86 -26.09 0.86 11.83
N VAL C 87 -26.84 -0.25 11.89
CA VAL C 87 -28.19 -0.26 11.32
C VAL C 87 -29.12 0.61 12.15
N THR C 88 -30.07 1.24 11.48
CA THR C 88 -31.13 2.04 12.08
C THR C 88 -32.47 1.58 11.53
N PRO C 89 -33.57 1.98 12.16
CA PRO C 89 -34.89 1.58 11.64
C PRO C 89 -35.13 2.00 10.20
N GLU C 90 -34.38 2.97 9.66
CA GLU C 90 -34.53 3.32 8.26
C GLU C 90 -33.98 2.24 7.34
N ASP C 91 -33.06 1.40 7.84
CA ASP C 91 -32.47 0.36 7.01
C ASP C 91 -33.39 -0.83 6.83
N THR C 92 -34.55 -0.83 7.46
CA THR C 92 -35.53 -1.88 7.21
C THR C 92 -35.98 -1.80 5.76
N ALA C 93 -35.74 -2.87 5.01
CA ALA C 93 -36.04 -2.87 3.58
C ALA C 93 -35.96 -4.30 3.07
N VAL C 94 -36.44 -4.49 1.85
CA VAL C 94 -36.25 -5.74 1.13
C VAL C 94 -34.99 -5.61 0.30
N TYR C 95 -34.02 -6.49 0.53
CA TYR C 95 -32.72 -6.41 -0.11
C TYR C 95 -32.70 -7.40 -1.27
N TYR C 96 -32.36 -6.89 -2.45
CA TYR C 96 -32.30 -7.68 -3.67
C TYR C 96 -30.85 -7.86 -4.10
N CYS C 97 -30.59 -8.98 -4.76
CA CYS C 97 -29.31 -9.22 -5.41
C CYS C 97 -29.53 -9.20 -6.91
N ALA C 98 -28.88 -8.27 -7.59
CA ALA C 98 -29.09 -8.04 -9.02
C ALA C 98 -27.80 -8.29 -9.78
N LEU C 99 -27.93 -8.96 -10.92
CA LEU C 99 -26.80 -9.33 -11.77
C LEU C 99 -26.85 -8.53 -13.07
N TYR C 100 -25.72 -8.00 -13.49
CA TYR C 100 -25.63 -7.23 -14.72
C TYR C 100 -25.07 -8.16 -15.79
N ILE C 101 -25.82 -8.32 -16.87
CA ILE C 101 -25.47 -9.27 -17.93
C ILE C 101 -24.61 -8.64 -19.02
N ARG C 102 -25.00 -7.45 -19.48
CA ARG C 102 -24.40 -6.85 -20.67
C ARG C 102 -22.88 -6.86 -20.60
N GLY C 103 -22.26 -7.43 -21.64
CA GLY C 103 -20.82 -7.64 -21.66
C GLY C 103 -19.99 -6.38 -21.57
N SER C 104 -20.60 -5.21 -21.73
CA SER C 104 -19.87 -3.96 -21.56
C SER C 104 -19.56 -3.73 -20.07
N SER C 105 -18.68 -2.76 -19.82
CA SER C 105 -18.29 -2.44 -18.45
C SER C 105 -19.50 -1.92 -17.66
N TRP C 106 -19.38 -1.99 -16.34
CA TRP C 106 -20.47 -1.52 -15.49
C TRP C 106 -20.51 0.00 -15.46
N SER C 107 -21.71 0.56 -15.67
CA SER C 107 -21.94 1.99 -15.57
C SER C 107 -23.11 2.22 -14.62
N GLY C 108 -23.30 3.48 -14.25
CA GLY C 108 -24.40 3.81 -13.35
C GLY C 108 -25.76 3.57 -13.99
N TRP C 109 -25.91 3.96 -15.25
CA TRP C 109 -27.16 3.80 -15.98
C TRP C 109 -27.40 2.38 -16.45
N SER C 110 -26.56 1.43 -16.06
CA SER C 110 -26.72 0.05 -16.51
C SER C 110 -27.86 -0.62 -15.74
N ALA C 111 -28.50 -1.57 -16.42
CA ALA C 111 -29.68 -2.24 -15.90
C ALA C 111 -29.35 -3.69 -15.54
N TYR C 112 -30.19 -4.28 -14.69
CA TYR C 112 -29.99 -5.62 -14.19
C TYR C 112 -31.14 -6.51 -14.66
N ASP C 113 -30.81 -7.51 -15.47
CA ASP C 113 -31.83 -8.37 -16.05
C ASP C 113 -32.36 -9.39 -15.04
N TYR C 114 -31.45 -10.10 -14.37
CA TYR C 114 -31.83 -11.13 -13.40
C TYR C 114 -31.74 -10.55 -12.01
N TRP C 115 -32.89 -10.43 -11.34
CA TRP C 115 -32.96 -9.94 -9.97
C TRP C 115 -33.16 -11.10 -9.01
N GLY C 116 -32.51 -11.01 -7.85
CA GLY C 116 -32.78 -11.96 -6.79
C GLY C 116 -34.17 -11.76 -6.23
N GLN C 117 -34.74 -12.85 -5.68
CA GLN C 117 -36.10 -12.77 -5.14
C GLN C 117 -36.21 -11.76 -4.01
N GLY C 118 -35.13 -11.51 -3.29
CA GLY C 118 -35.19 -10.57 -2.19
C GLY C 118 -35.57 -11.23 -0.88
N THR C 119 -35.18 -10.57 0.22
CA THR C 119 -35.51 -11.04 1.55
C THR C 119 -35.73 -9.84 2.46
N GLN C 120 -36.66 -9.97 3.39
CA GLN C 120 -37.02 -8.86 4.26
C GLN C 120 -36.09 -8.80 5.47
N VAL C 121 -35.58 -7.60 5.73
CA VAL C 121 -34.75 -7.32 6.90
C VAL C 121 -35.47 -6.25 7.70
N THR C 122 -35.77 -6.56 8.95
CA THR C 122 -36.53 -5.67 9.83
C THR C 122 -35.63 -5.17 10.94
N VAL C 123 -35.47 -3.85 11.03
CA VAL C 123 -34.63 -3.22 12.03
C VAL C 123 -35.52 -2.43 12.97
N SER C 124 -35.66 -2.91 14.20
CA SER C 124 -36.43 -2.21 15.21
C SER C 124 -35.99 -2.69 16.59
N SER C 125 -36.33 -1.90 17.61
CA SER C 125 -35.93 -2.25 18.97
C SER C 125 -36.71 -3.44 19.50
N ALA C 126 -37.91 -3.69 18.97
CA ALA C 126 -38.74 -4.77 19.45
C ALA C 126 -38.13 -6.12 19.11
N SER C 127 -38.44 -7.13 19.93
CA SER C 127 -37.92 -8.47 19.73
C SER C 127 -38.86 -9.27 18.82
N THR C 128 -38.58 -10.56 18.68
CA THR C 128 -39.35 -11.44 17.81
C THR C 128 -40.31 -12.29 18.64
N LYS C 129 -41.55 -12.42 18.16
CA LYS C 129 -42.58 -13.19 18.82
C LYS C 129 -42.93 -14.40 17.97
N GLY C 130 -42.96 -15.58 18.60
CA GLY C 130 -43.34 -16.80 17.93
C GLY C 130 -44.81 -16.82 17.55
N PRO C 131 -45.09 -17.25 16.31
CA PRO C 131 -46.48 -17.26 15.83
C PRO C 131 -47.31 -18.34 16.49
N SER C 132 -48.51 -17.96 16.90
CA SER C 132 -49.49 -18.90 17.46
C SER C 132 -50.17 -19.62 16.31
N VAL C 133 -49.56 -20.71 15.86
CA VAL C 133 -50.08 -21.45 14.72
C VAL C 133 -51.23 -22.34 15.15
N PHE C 134 -52.29 -22.39 14.34
CA PHE C 134 -53.47 -23.20 14.60
C PHE C 134 -54.06 -23.76 13.32
N PRO C 135 -54.50 -25.01 13.33
CA PRO C 135 -55.14 -25.60 12.15
C PRO C 135 -56.59 -25.19 12.01
N LEU C 136 -57.08 -25.28 10.77
CA LEU C 136 -58.47 -24.99 10.43
C LEU C 136 -59.11 -26.26 9.87
N ALA C 137 -59.94 -26.91 10.68
CA ALA C 137 -60.60 -28.14 10.26
C ALA C 137 -61.53 -27.86 9.07
N PRO C 138 -61.66 -28.81 8.15
CA PRO C 138 -62.51 -28.60 6.97
C PRO C 138 -63.98 -28.55 7.33
N SER C 139 -64.76 -27.95 6.43
CA SER C 139 -66.20 -27.84 6.59
C SER C 139 -66.86 -29.21 6.64
N SER C 140 -67.60 -29.48 7.73
CA SER C 140 -68.27 -30.75 7.94
C SER C 140 -69.25 -31.11 6.83
N LYS C 141 -69.59 -30.17 5.95
CA LYS C 141 -70.58 -30.41 4.91
C LYS C 141 -70.13 -31.51 3.95
N SER C 142 -71.08 -32.37 3.58
CA SER C 142 -70.85 -33.36 2.54
C SER C 142 -71.46 -32.82 1.25
N THR C 143 -70.72 -32.88 0.16
CA THR C 143 -71.05 -32.16 -1.05
C THR C 143 -71.37 -33.11 -2.20
N SER C 144 -72.28 -32.67 -3.06
CA SER C 144 -72.65 -33.45 -4.24
C SER C 144 -71.62 -33.30 -5.36
N GLY C 145 -70.88 -32.18 -5.39
CA GLY C 145 -69.85 -32.00 -6.38
C GLY C 145 -68.46 -32.29 -5.86
N GLY C 146 -68.16 -31.81 -4.65
CA GLY C 146 -66.87 -32.03 -4.04
C GLY C 146 -66.05 -30.77 -3.89
N THR C 147 -66.07 -30.17 -2.70
CA THR C 147 -65.27 -28.98 -2.42
C THR C 147 -65.09 -28.86 -0.91
N ALA C 148 -63.84 -28.75 -0.47
CA ALA C 148 -63.53 -28.56 0.94
C ALA C 148 -62.25 -27.74 1.03
N ALA C 149 -62.37 -26.53 1.56
CA ALA C 149 -61.25 -25.60 1.68
C ALA C 149 -60.83 -25.54 3.15
N LEU C 150 -59.80 -26.29 3.50
CA LEU C 150 -59.26 -26.28 4.84
C LEU C 150 -57.96 -25.47 4.86
N GLY C 151 -57.66 -24.89 6.01
CA GLY C 151 -56.51 -24.01 6.10
C GLY C 151 -55.76 -24.09 7.42
N CYS C 152 -54.90 -23.10 7.65
CA CYS C 152 -54.12 -23.01 8.87
C CYS C 152 -54.18 -21.57 9.36
N LEU C 153 -53.88 -21.37 10.63
CA LEU C 153 -53.99 -20.05 11.24
C LEU C 153 -52.66 -19.69 11.91
N VAL C 154 -52.06 -18.58 11.46
CA VAL C 154 -50.80 -18.10 12.00
C VAL C 154 -51.04 -16.79 12.76
N LYS C 155 -51.29 -16.90 14.07
CA LYS C 155 -51.64 -15.75 14.89
C LYS C 155 -50.44 -15.19 15.64
N ASP C 156 -50.47 -13.86 15.84
CA ASP C 156 -49.58 -13.17 16.78
C ASP C 156 -48.11 -13.43 16.48
N TYR C 157 -47.66 -12.95 15.32
CA TYR C 157 -46.26 -13.04 14.94
C TYR C 157 -45.73 -11.68 14.52
N PHE C 158 -44.44 -11.47 14.78
CA PHE C 158 -43.70 -10.27 14.41
C PHE C 158 -42.25 -10.67 14.26
N PRO C 159 -41.56 -10.23 13.20
CA PRO C 159 -42.09 -9.45 12.08
C PRO C 159 -42.46 -10.31 10.87
N GLU C 160 -42.65 -9.66 9.73
CA GLU C 160 -42.86 -10.36 8.48
C GLU C 160 -41.52 -10.71 7.85
N PRO C 161 -41.47 -11.72 6.96
CA PRO C 161 -42.57 -12.54 6.44
C PRO C 161 -42.65 -13.92 7.08
N VAL C 162 -43.60 -14.73 6.58
CA VAL C 162 -43.79 -16.09 7.05
C VAL C 162 -44.07 -16.96 5.82
N THR C 163 -43.19 -17.91 5.53
CA THR C 163 -43.41 -18.81 4.42
C THR C 163 -44.34 -19.94 4.85
N VAL C 164 -45.36 -20.19 4.02
CA VAL C 164 -46.36 -21.21 4.32
C VAL C 164 -46.30 -22.26 3.22
N SER C 165 -45.80 -23.44 3.57
CA SER C 165 -45.80 -24.59 2.68
C SER C 165 -46.83 -25.60 3.18
N TRP C 166 -47.46 -26.29 2.23
CA TRP C 166 -48.51 -27.25 2.54
C TRP C 166 -48.00 -28.67 2.30
N ASN C 167 -48.18 -29.53 3.30
CA ASN C 167 -47.72 -30.93 3.24
C ASN C 167 -46.25 -30.99 2.83
N SER C 168 -45.45 -30.12 3.44
CA SER C 168 -44.01 -30.02 3.13
C SER C 168 -43.82 -29.73 1.64
N GLY C 169 -44.58 -28.77 1.12
CA GLY C 169 -44.45 -28.36 -0.26
C GLY C 169 -44.99 -29.34 -1.28
N ALA C 170 -45.85 -30.26 -0.88
CA ALA C 170 -46.41 -31.24 -1.80
C ALA C 170 -47.67 -30.77 -2.51
N LEU C 171 -48.28 -29.67 -2.07
CA LEU C 171 -49.51 -29.16 -2.67
C LEU C 171 -49.30 -27.73 -3.13
N THR C 172 -49.41 -27.49 -4.44
CA THR C 172 -49.27 -26.16 -4.99
C THR C 172 -50.49 -25.69 -5.79
N SER C 173 -51.33 -26.60 -6.27
CA SER C 173 -52.48 -26.22 -7.09
C SER C 173 -53.55 -25.56 -6.23
N GLY C 174 -54.08 -24.44 -6.70
CA GLY C 174 -55.19 -23.76 -6.05
C GLY C 174 -54.95 -23.26 -4.64
N VAL C 175 -53.70 -23.32 -4.19
CA VAL C 175 -53.37 -22.89 -2.84
C VAL C 175 -53.43 -21.37 -2.77
N HIS C 176 -53.98 -20.85 -1.67
CA HIS C 176 -54.04 -19.42 -1.42
C HIS C 176 -53.48 -19.13 -0.03
N THR C 177 -52.47 -18.27 0.03
CA THR C 177 -51.89 -17.80 1.28
C THR C 177 -52.21 -16.32 1.42
N PHE C 178 -53.06 -15.99 2.38
CA PHE C 178 -53.55 -14.62 2.50
C PHE C 178 -52.53 -13.75 3.23
N PRO C 179 -52.49 -12.46 2.90
CA PRO C 179 -51.56 -11.54 3.58
C PRO C 179 -51.97 -11.30 5.02
N ALA C 180 -51.03 -10.77 5.78
CA ALA C 180 -51.22 -10.53 7.21
C ALA C 180 -51.91 -9.19 7.45
N VAL C 181 -52.48 -9.05 8.64
CA VAL C 181 -53.10 -7.81 9.08
C VAL C 181 -52.25 -7.20 10.18
N LEU C 182 -52.02 -5.90 10.10
CA LEU C 182 -51.29 -5.17 11.14
C LEU C 182 -52.30 -4.70 12.19
N GLN C 183 -52.23 -5.30 13.37
CA GLN C 183 -53.19 -4.99 14.42
C GLN C 183 -52.77 -3.73 15.16
N SER C 184 -53.73 -3.14 15.89
CA SER C 184 -53.44 -1.94 16.67
C SER C 184 -52.32 -2.20 17.69
N SER C 185 -52.24 -3.42 18.22
CA SER C 185 -51.14 -3.76 19.11
C SER C 185 -49.80 -3.69 18.39
N GLY C 186 -49.80 -3.89 17.07
CA GLY C 186 -48.57 -3.85 16.29
C GLY C 186 -48.09 -5.18 15.75
N LEU C 187 -48.85 -6.26 15.94
CA LEU C 187 -48.41 -7.58 15.52
C LEU C 187 -49.15 -8.03 14.27
N TYR C 188 -48.57 -9.03 13.60
CA TYR C 188 -49.09 -9.57 12.36
C TYR C 188 -49.73 -10.94 12.58
N SER C 189 -50.67 -11.28 11.69
CA SER C 189 -51.29 -12.60 11.68
C SER C 189 -51.90 -12.83 10.30
N LEU C 190 -51.64 -14.00 9.72
CA LEU C 190 -52.23 -14.36 8.44
C LEU C 190 -52.63 -15.84 8.45
N SER C 191 -53.32 -16.24 7.39
CA SER C 191 -53.77 -17.61 7.22
C SER C 191 -53.64 -18.01 5.76
N SER C 192 -53.52 -19.31 5.53
CA SER C 192 -53.41 -19.88 4.19
C SER C 192 -54.43 -21.00 4.03
N VAL C 193 -55.19 -20.96 2.93
CA VAL C 193 -56.24 -21.92 2.67
C VAL C 193 -56.10 -22.47 1.25
N VAL C 194 -56.25 -23.78 1.11
CA VAL C 194 -56.18 -24.45 -0.18
C VAL C 194 -57.56 -24.96 -0.54
N THR C 195 -57.85 -25.03 -1.85
CA THR C 195 -59.11 -25.54 -2.36
C THR C 195 -58.88 -26.95 -2.87
N VAL C 196 -59.23 -27.94 -2.07
CA VAL C 196 -59.01 -29.35 -2.39
C VAL C 196 -60.38 -30.03 -2.45
N PRO C 197 -60.49 -31.14 -3.17
CA PRO C 197 -61.79 -31.82 -3.27
C PRO C 197 -62.19 -32.48 -1.95
N SER C 198 -63.49 -32.45 -1.67
CA SER C 198 -64.05 -33.02 -0.45
C SER C 198 -64.37 -34.51 -0.58
N SER C 199 -63.94 -35.15 -1.67
CA SER C 199 -64.26 -36.57 -1.85
C SER C 199 -63.52 -37.44 -0.86
N SER C 200 -62.18 -37.42 -0.91
CA SER C 200 -61.35 -38.23 -0.03
C SER C 200 -60.63 -37.30 0.95
N LEU C 201 -60.98 -37.40 2.23
CA LEU C 201 -60.33 -36.65 3.30
C LEU C 201 -59.75 -37.56 4.38
N GLY C 202 -59.82 -38.87 4.19
CA GLY C 202 -59.25 -39.82 5.13
C GLY C 202 -58.07 -40.55 4.54
N THR C 203 -57.93 -40.47 3.22
CA THR C 203 -56.83 -41.14 2.53
C THR C 203 -55.63 -40.20 2.34
N GLN C 204 -55.88 -38.96 1.92
CA GLN C 204 -54.83 -37.97 1.73
C GLN C 204 -54.84 -37.02 2.92
N THR C 205 -53.77 -37.04 3.71
CA THR C 205 -53.68 -36.20 4.89
C THR C 205 -52.93 -34.91 4.56
N TYR C 206 -53.52 -33.78 4.95
CA TYR C 206 -52.98 -32.46 4.67
C TYR C 206 -52.43 -31.83 5.96
N ILE C 207 -51.21 -31.29 5.87
CA ILE C 207 -50.52 -30.69 7.00
C ILE C 207 -49.98 -29.33 6.59
N CYS C 208 -50.33 -28.29 7.34
CA CYS C 208 -49.83 -26.93 7.07
C CYS C 208 -48.45 -26.77 7.70
N ASN C 209 -47.41 -26.71 6.87
CA ASN C 209 -46.04 -26.50 7.32
C ASN C 209 -45.77 -25.00 7.33
N VAL C 210 -45.93 -24.37 8.50
CA VAL C 210 -45.74 -22.93 8.65
C VAL C 210 -44.35 -22.67 9.21
N ASN C 211 -43.61 -21.77 8.58
CA ASN C 211 -42.26 -21.42 9.01
C ASN C 211 -42.14 -19.91 9.19
N HIS C 212 -41.71 -19.49 10.38
CA HIS C 212 -41.42 -18.10 10.68
C HIS C 212 -39.92 -17.98 10.96
N LYS C 213 -39.17 -17.38 10.03
CA LYS C 213 -37.72 -17.39 10.07
C LYS C 213 -37.11 -16.35 11.00
N PRO C 214 -37.57 -15.10 11.03
CA PRO C 214 -36.97 -14.13 11.97
C PRO C 214 -37.01 -14.59 13.42
N SER C 215 -38.00 -15.39 13.80
CA SER C 215 -38.02 -16.05 15.08
C SER C 215 -37.62 -17.51 14.98
N ASN C 216 -37.33 -17.99 13.77
CA ASN C 216 -36.80 -19.33 13.49
C ASN C 216 -37.75 -20.44 13.91
N THR C 217 -39.02 -20.13 14.14
CA THR C 217 -39.99 -21.15 14.54
C THR C 217 -40.43 -21.98 13.33
N LYS C 218 -40.28 -23.30 13.44
CA LYS C 218 -40.73 -24.25 12.42
C LYS C 218 -41.89 -25.04 13.01
N VAL C 219 -43.10 -24.79 12.50
CA VAL C 219 -44.30 -25.45 13.00
C VAL C 219 -45.04 -26.08 11.82
N ASP C 220 -45.21 -27.40 11.88
CA ASP C 220 -45.98 -28.15 10.87
C ASP C 220 -47.22 -28.68 11.59
N LYS C 221 -48.34 -28.00 11.41
CA LYS C 221 -49.56 -28.30 12.16
C LYS C 221 -50.39 -29.35 11.43
N LYS C 222 -50.82 -30.37 12.17
CA LYS C 222 -51.57 -31.49 11.64
C LYS C 222 -53.04 -31.11 11.52
N VAL C 223 -53.53 -30.96 10.30
CA VAL C 223 -54.92 -30.62 10.04
C VAL C 223 -55.71 -31.91 9.91
N GLU C 224 -56.76 -32.05 10.72
CA GLU C 224 -57.59 -33.24 10.74
C GLU C 224 -59.06 -32.85 10.61
N PRO C 225 -59.89 -33.72 10.04
CA PRO C 225 -61.32 -33.41 9.95
C PRO C 225 -61.96 -33.42 11.33
N LYS C 226 -62.86 -32.46 11.55
CA LYS C 226 -63.50 -32.34 12.86
C LYS C 226 -64.55 -33.43 13.05
N SER C 227 -64.41 -34.18 14.15
CA SER C 227 -65.41 -35.19 14.47
C SER C 227 -66.70 -34.52 14.95
N CYS C 228 -67.83 -35.02 14.48
CA CYS C 228 -69.11 -34.43 14.84
C CYS C 228 -69.99 -35.42 15.61
N GLN D 1 -31.49 12.94 -0.23
CA GLN D 1 -31.13 11.78 -1.03
C GLN D 1 -31.57 11.96 -2.48
N PRO D 2 -30.77 11.48 -3.43
CA PRO D 2 -31.12 11.66 -4.84
C PRO D 2 -32.17 10.65 -5.27
N VAL D 3 -33.30 11.15 -5.76
CA VAL D 3 -34.42 10.32 -6.20
C VAL D 3 -34.98 10.91 -7.48
N LEU D 4 -35.36 10.05 -8.42
CA LEU D 4 -36.05 10.52 -9.61
C LEU D 4 -37.50 10.83 -9.29
N ASN D 5 -38.06 11.79 -10.02
CA ASN D 5 -39.42 12.25 -9.80
C ASN D 5 -40.34 11.64 -10.86
N GLN D 6 -41.34 10.89 -10.41
CA GLN D 6 -42.32 10.28 -11.31
C GLN D 6 -43.66 10.25 -10.59
N PRO D 7 -44.78 10.24 -11.33
CA PRO D 7 -46.09 10.23 -10.67
C PRO D 7 -46.30 8.96 -9.87
N SER D 8 -47.07 9.09 -8.79
CA SER D 8 -47.30 7.96 -7.90
C SER D 8 -48.26 6.95 -8.52
N ALA D 9 -49.33 7.44 -9.17
CA ALA D 9 -50.33 6.55 -9.73
C ALA D 9 -50.86 7.09 -11.05
N VAL D 10 -51.11 6.19 -11.99
CA VAL D 10 -51.67 6.52 -13.30
C VAL D 10 -52.66 5.42 -13.66
N SER D 11 -53.82 5.82 -14.16
CA SER D 11 -54.88 4.87 -14.53
C SER D 11 -55.10 4.87 -16.04
N VAL D 12 -55.34 3.69 -16.59
CA VAL D 12 -55.65 3.51 -18.00
C VAL D 12 -56.68 2.39 -18.14
N SER D 13 -57.63 2.58 -19.04
CA SER D 13 -58.63 1.56 -19.32
C SER D 13 -58.05 0.50 -20.25
N LEU D 14 -58.58 -0.71 -20.15
CA LEU D 14 -58.14 -1.81 -21.01
C LEU D 14 -58.28 -1.43 -22.47
N GLY D 15 -57.25 -1.76 -23.26
CA GLY D 15 -57.22 -1.41 -24.66
C GLY D 15 -56.60 -0.06 -24.98
N GLN D 16 -56.41 0.80 -23.98
CA GLN D 16 -55.78 2.09 -24.18
C GLN D 16 -54.25 1.97 -24.10
N THR D 17 -53.59 3.09 -24.38
CA THR D 17 -52.13 3.19 -24.35
C THR D 17 -51.72 3.97 -23.11
N ALA D 18 -50.85 3.37 -22.29
CA ALA D 18 -50.39 3.99 -21.06
C ALA D 18 -49.00 4.57 -21.23
N ARG D 19 -48.76 5.72 -20.60
CA ARG D 19 -47.46 6.37 -20.61
C ARG D 19 -47.09 6.82 -19.22
N ILE D 20 -45.90 6.46 -18.77
CA ILE D 20 -45.37 6.81 -17.45
C ILE D 20 -44.11 7.64 -17.67
N THR D 21 -44.09 8.84 -17.10
CA THR D 21 -42.97 9.75 -17.24
C THR D 21 -42.04 9.69 -16.02
N CYS D 22 -40.75 9.86 -16.29
CA CYS D 22 -39.70 9.91 -15.26
C CYS D 22 -39.03 11.28 -15.38
N GLN D 23 -39.45 12.23 -14.56
CA GLN D 23 -39.01 13.61 -14.70
C GLN D 23 -38.03 13.96 -13.59
N GLY D 24 -37.50 15.18 -13.65
CA GLY D 24 -36.56 15.65 -12.66
C GLY D 24 -35.20 15.00 -12.70
N GLY D 25 -35.01 13.97 -13.54
CA GLY D 25 -33.78 13.22 -13.57
C GLY D 25 -32.80 13.67 -14.64
N ASN D 26 -31.58 13.13 -14.54
CA ASN D 26 -30.46 13.46 -15.41
C ASN D 26 -30.47 12.62 -16.69
N PHE D 27 -30.97 13.18 -17.79
CA PHE D 27 -30.86 12.47 -19.06
C PHE D 27 -29.99 13.26 -20.05
N GLY D 28 -29.95 12.82 -21.30
CA GLY D 28 -29.10 13.44 -22.30
C GLY D 28 -27.67 12.95 -22.16
N TYR D 29 -27.16 13.14 -20.93
CA TYR D 29 -25.86 12.61 -20.57
C TYR D 29 -25.92 11.08 -20.56
N TYR D 30 -26.94 10.54 -19.92
CA TYR D 30 -27.07 9.13 -19.56
C TYR D 30 -28.16 8.42 -20.35
N TYR D 31 -28.31 7.15 -20.02
CA TYR D 31 -29.35 6.31 -20.59
C TYR D 31 -30.39 6.05 -19.52
N GLY D 32 -31.50 5.46 -19.95
CA GLY D 32 -32.60 5.16 -19.04
C GLY D 32 -33.04 3.71 -19.16
N SER D 33 -33.52 3.17 -18.04
CA SER D 33 -34.01 1.81 -17.98
C SER D 33 -35.31 1.78 -17.18
N TRP D 34 -36.03 0.66 -17.30
CA TRP D 34 -37.35 0.51 -16.70
C TRP D 34 -37.54 -0.90 -16.16
N TYR D 35 -38.16 -0.98 -14.98
CA TYR D 35 -38.45 -2.25 -14.32
C TYR D 35 -39.93 -2.34 -13.99
N GLN D 36 -40.48 -3.54 -14.13
CA GLN D 36 -41.84 -3.84 -13.71
C GLN D 36 -41.79 -4.71 -12.46
N GLN D 37 -42.49 -4.30 -11.41
CA GLN D 37 -42.50 -5.01 -10.14
C GLN D 37 -43.93 -5.34 -9.76
N LYS D 38 -44.18 -6.60 -9.49
CA LYS D 38 -45.43 -7.13 -8.98
C LYS D 38 -45.36 -7.28 -7.47
N PRO D 39 -46.48 -7.15 -6.76
CA PRO D 39 -46.45 -7.27 -5.30
C PRO D 39 -46.00 -8.66 -4.87
N GLY D 40 -45.05 -8.71 -3.95
CA GLY D 40 -44.51 -9.97 -3.48
C GLY D 40 -43.69 -10.73 -4.51
N GLN D 41 -43.41 -10.13 -5.65
CA GLN D 41 -42.59 -10.76 -6.69
C GLN D 41 -41.43 -9.85 -7.05
N ALA D 42 -40.35 -10.47 -7.54
CA ALA D 42 -39.14 -9.74 -7.84
C ALA D 42 -39.36 -8.81 -9.05
N PRO D 43 -38.68 -7.67 -9.08
CA PRO D 43 -38.80 -6.78 -10.26
C PRO D 43 -38.29 -7.48 -11.50
N VAL D 44 -38.79 -7.04 -12.65
CA VAL D 44 -38.43 -7.59 -13.95
C VAL D 44 -38.07 -6.46 -14.88
N LEU D 45 -36.91 -6.55 -15.53
CA LEU D 45 -36.47 -5.50 -16.45
C LEU D 45 -37.39 -5.44 -17.66
N VAL D 46 -37.82 -4.24 -18.01
CA VAL D 46 -38.73 -4.01 -19.12
C VAL D 46 -38.05 -3.26 -20.26
N ILE D 47 -37.31 -2.21 -19.94
CA ILE D 47 -36.64 -1.38 -20.93
C ILE D 47 -35.23 -1.10 -20.45
N TYR D 48 -34.27 -1.15 -21.38
CA TYR D 48 -32.90 -0.74 -21.11
C TYR D 48 -32.43 0.11 -22.28
N LYS D 49 -31.48 1.00 -22.00
CA LYS D 49 -30.92 1.91 -23.01
C LYS D 49 -31.99 2.71 -23.73
N ASP D 50 -33.13 2.93 -23.07
CA ASP D 50 -34.19 3.86 -23.48
C ASP D 50 -34.98 3.40 -24.70
N SER D 51 -34.49 2.37 -25.40
CA SER D 51 -35.20 1.92 -26.59
C SER D 51 -35.46 0.42 -26.59
N GLU D 52 -34.45 -0.36 -26.22
CA GLU D 52 -34.50 -1.80 -26.39
C GLU D 52 -35.17 -2.50 -25.20
N ARG D 53 -35.84 -3.61 -25.49
CA ARG D 53 -36.44 -4.47 -24.49
C ARG D 53 -35.75 -5.83 -24.46
N PRO D 54 -35.63 -6.44 -23.30
CA PRO D 54 -35.01 -7.78 -23.22
C PRO D 54 -35.93 -8.85 -23.77
N SER D 55 -35.36 -10.03 -23.96
CA SER D 55 -36.12 -11.14 -24.52
C SER D 55 -37.25 -11.55 -23.57
N GLY D 56 -38.42 -11.82 -24.15
CA GLY D 56 -39.62 -12.11 -23.41
C GLY D 56 -40.55 -10.93 -23.28
N ILE D 57 -40.02 -9.71 -23.29
CA ILE D 57 -40.84 -8.51 -23.18
C ILE D 57 -41.55 -8.26 -24.50
N PRO D 58 -42.88 -8.10 -24.50
CA PRO D 58 -43.61 -7.88 -25.75
C PRO D 58 -43.29 -6.52 -26.36
N GLU D 59 -43.59 -6.39 -27.65
CA GLU D 59 -43.39 -5.12 -28.36
C GLU D 59 -44.29 -4.01 -27.84
N ARG D 60 -45.26 -4.32 -26.98
CA ARG D 60 -46.13 -3.29 -26.43
C ARG D 60 -45.34 -2.26 -25.63
N PHE D 61 -44.20 -2.65 -25.07
CA PHE D 61 -43.41 -1.77 -24.23
C PHE D 61 -42.38 -1.03 -25.07
N SER D 62 -42.34 0.30 -24.90
CA SER D 62 -41.38 1.14 -25.59
C SER D 62 -41.02 2.31 -24.68
N GLY D 63 -39.86 2.89 -24.94
CA GLY D 63 -39.36 3.97 -24.12
C GLY D 63 -38.90 5.16 -24.93
N SER D 64 -39.10 6.35 -24.39
CA SER D 64 -38.63 7.59 -24.99
C SER D 64 -37.87 8.39 -23.95
N SER D 65 -37.02 9.29 -24.44
CA SER D 65 -36.17 10.08 -23.56
C SER D 65 -35.80 11.38 -24.26
N SER D 66 -35.75 12.47 -23.49
CA SER D 66 -35.40 13.78 -24.02
C SER D 66 -35.09 14.71 -22.87
N GLY D 67 -34.04 15.51 -23.03
CA GLY D 67 -33.65 16.48 -22.02
C GLY D 67 -33.38 15.88 -20.66
N GLY D 68 -34.25 16.16 -19.69
CA GLY D 68 -34.14 15.58 -18.37
C GLY D 68 -35.31 14.71 -18.00
N THR D 69 -35.95 14.12 -19.01
CA THR D 69 -37.14 13.31 -18.81
C THR D 69 -37.10 12.08 -19.71
N ALA D 70 -37.64 10.97 -19.19
CA ALA D 70 -37.84 9.75 -19.96
C ALA D 70 -39.29 9.31 -19.82
N THR D 71 -39.84 8.79 -20.91
CA THR D 71 -41.24 8.41 -20.97
C THR D 71 -41.33 6.95 -21.37
N LEU D 72 -41.98 6.16 -20.52
CA LEU D 72 -42.27 4.76 -20.83
C LEU D 72 -43.65 4.67 -21.49
N THR D 73 -43.73 3.94 -22.60
CA THR D 73 -44.96 3.81 -23.36
C THR D 73 -45.37 2.35 -23.42
N ILE D 74 -46.62 2.07 -23.07
CA ILE D 74 -47.20 0.75 -23.16
C ILE D 74 -48.34 0.86 -24.17
N SER D 75 -48.11 0.36 -25.39
CA SER D 75 -49.00 0.66 -26.51
C SER D 75 -50.38 0.04 -26.31
N ARG D 76 -50.44 -1.24 -25.96
CA ARG D 76 -51.71 -1.96 -25.85
C ARG D 76 -51.78 -2.56 -24.44
N ALA D 77 -52.42 -1.82 -23.53
CA ALA D 77 -52.49 -2.26 -22.15
C ALA D 77 -53.31 -3.53 -22.00
N GLN D 78 -52.82 -4.43 -21.14
CA GLN D 78 -53.56 -5.59 -20.69
C GLN D 78 -53.52 -5.62 -19.16
N ALA D 79 -54.25 -6.60 -18.59
CA ALA D 79 -54.37 -6.68 -17.13
C ALA D 79 -53.01 -6.89 -16.46
N GLU D 80 -52.14 -7.70 -17.07
CA GLU D 80 -50.85 -8.01 -16.44
C GLU D 80 -49.98 -6.78 -16.28
N ASP D 81 -50.28 -5.68 -16.98
CA ASP D 81 -49.51 -4.46 -16.83
C ASP D 81 -49.85 -3.69 -15.56
N GLU D 82 -50.83 -4.15 -14.79
CA GLU D 82 -51.14 -3.54 -13.51
C GLU D 82 -50.06 -3.92 -12.51
N ALA D 83 -49.15 -3.00 -12.25
CA ALA D 83 -48.01 -3.26 -11.37
C ALA D 83 -47.35 -1.92 -11.06
N ASP D 84 -46.23 -1.98 -10.34
CA ASP D 84 -45.41 -0.82 -10.06
C ASP D 84 -44.28 -0.74 -11.06
N TYR D 85 -43.99 0.46 -11.53
CA TYR D 85 -42.98 0.68 -12.56
C TYR D 85 -41.96 1.68 -12.03
N TYR D 86 -40.70 1.29 -12.07
CA TYR D 86 -39.60 2.10 -11.57
C TYR D 86 -38.71 2.48 -12.74
N CYS D 87 -38.31 3.74 -12.79
CA CYS D 87 -37.32 4.19 -13.75
C CYS D 87 -35.97 4.30 -13.05
N GLN D 88 -34.90 4.14 -13.83
CA GLN D 88 -33.56 4.12 -13.27
C GLN D 88 -32.61 4.86 -14.19
N SER D 89 -31.68 5.58 -13.59
CA SER D 89 -30.60 6.26 -14.28
C SER D 89 -29.49 6.47 -13.24
N ALA D 90 -28.56 7.36 -13.54
CA ALA D 90 -27.43 7.65 -12.66
C ALA D 90 -27.36 9.15 -12.46
N ASP D 91 -26.75 9.57 -11.35
CA ASP D 91 -26.25 10.94 -11.31
C ASP D 91 -24.85 11.02 -11.91
N SER D 92 -24.17 9.88 -12.02
CA SER D 92 -22.82 9.77 -12.55
C SER D 92 -22.56 8.30 -12.78
N SER D 93 -21.64 8.02 -13.70
CA SER D 93 -21.25 6.67 -14.07
C SER D 93 -21.08 5.75 -12.85
N ASP D 94 -20.58 6.30 -11.76
CA ASP D 94 -20.35 5.54 -10.53
C ASP D 94 -21.48 5.66 -9.51
N ASN D 95 -22.67 6.11 -9.94
CA ASN D 95 -23.76 6.27 -8.97
C ASN D 95 -25.14 6.20 -9.62
N PRO D 96 -25.79 5.04 -9.60
CA PRO D 96 -27.16 4.93 -10.13
C PRO D 96 -28.20 5.54 -9.20
N VAL D 97 -29.35 5.86 -9.79
CA VAL D 97 -30.51 6.38 -9.08
C VAL D 97 -31.75 5.61 -9.49
N PHE D 98 -32.78 5.66 -8.64
CA PHE D 98 -34.04 4.97 -8.88
C PHE D 98 -35.18 5.93 -8.66
N GLY D 99 -36.31 5.67 -9.33
CA GLY D 99 -37.44 6.56 -9.27
C GLY D 99 -38.32 6.34 -8.05
N GLY D 100 -39.19 7.31 -7.81
CA GLY D 100 -40.10 7.24 -6.67
C GLY D 100 -41.13 6.14 -6.77
N GLY D 101 -41.33 5.58 -7.96
CA GLY D 101 -42.30 4.51 -8.16
C GLY D 101 -43.66 4.97 -8.61
N THR D 102 -44.21 4.28 -9.61
CA THR D 102 -45.51 4.60 -10.17
C THR D 102 -46.38 3.36 -10.13
N HIS D 103 -47.56 3.49 -9.52
CA HIS D 103 -48.54 2.41 -9.50
C HIS D 103 -49.48 2.60 -10.69
N LEU D 104 -49.49 1.64 -11.60
CA LEU D 104 -50.35 1.70 -12.78
C LEU D 104 -51.56 0.81 -12.57
N THR D 105 -52.75 1.41 -12.69
CA THR D 105 -54.00 0.67 -12.58
C THR D 105 -54.59 0.48 -13.98
N VAL D 106 -54.88 -0.76 -14.33
CA VAL D 106 -55.44 -1.10 -15.63
C VAL D 106 -56.96 -1.22 -15.47
N LEU D 107 -57.68 -0.22 -15.96
CA LEU D 107 -59.13 -0.20 -15.83
C LEU D 107 -59.77 -0.99 -16.97
N GLY D 108 -61.08 -1.18 -16.88
CA GLY D 108 -61.79 -1.93 -17.89
C GLY D 108 -61.79 -3.43 -17.69
N GLN D 109 -61.23 -3.93 -16.60
CA GLN D 109 -61.12 -5.34 -16.32
C GLN D 109 -62.47 -5.90 -15.87
N PRO D 110 -62.77 -7.16 -16.19
CA PRO D 110 -64.10 -7.70 -15.88
C PRO D 110 -64.34 -7.81 -14.38
N LYS D 111 -65.58 -7.55 -13.99
CA LYS D 111 -65.99 -7.59 -12.59
C LYS D 111 -66.16 -9.02 -12.10
N ALA D 112 -65.90 -9.22 -10.82
CA ALA D 112 -65.99 -10.53 -10.18
C ALA D 112 -66.65 -10.36 -8.82
N ALA D 113 -67.51 -11.33 -8.45
CA ALA D 113 -68.20 -11.31 -7.17
C ALA D 113 -67.32 -11.93 -6.09
N PRO D 114 -67.37 -11.41 -4.87
CA PRO D 114 -66.47 -11.91 -3.83
C PRO D 114 -66.88 -13.29 -3.33
N SER D 115 -65.88 -14.08 -2.96
CA SER D 115 -66.08 -15.39 -2.35
C SER D 115 -65.59 -15.34 -0.91
N VAL D 116 -66.46 -15.71 0.02
CA VAL D 116 -66.20 -15.56 1.45
C VAL D 116 -66.12 -16.94 2.09
N THR D 117 -65.10 -17.15 2.91
CA THR D 117 -64.94 -18.37 3.70
C THR D 117 -64.72 -17.96 5.15
N LEU D 118 -65.59 -18.42 6.04
CA LEU D 118 -65.53 -18.08 7.46
C LEU D 118 -65.31 -19.34 8.27
N PHE D 119 -64.24 -19.32 9.11
CA PHE D 119 -63.92 -20.40 10.03
C PHE D 119 -64.22 -19.99 11.47
N PRO D 120 -64.71 -20.92 12.29
CA PRO D 120 -64.86 -20.63 13.71
C PRO D 120 -63.55 -20.86 14.44
N PRO D 121 -63.39 -20.32 15.65
CA PRO D 121 -62.18 -20.61 16.43
C PRO D 121 -62.08 -22.09 16.77
N SER D 122 -60.91 -22.66 16.54
CA SER D 122 -60.69 -24.07 16.82
C SER D 122 -60.67 -24.32 18.33
N SER D 123 -60.75 -25.59 18.69
CA SER D 123 -60.63 -25.97 20.10
C SER D 123 -59.27 -25.57 20.66
N GLU D 124 -58.22 -25.63 19.83
CA GLU D 124 -56.88 -25.28 20.30
C GLU D 124 -56.82 -23.83 20.77
N GLU D 125 -57.38 -22.91 19.97
CA GLU D 125 -57.46 -21.52 20.39
C GLU D 125 -58.32 -21.39 21.65
N LEU D 126 -59.45 -22.11 21.69
CA LEU D 126 -60.24 -22.17 22.91
C LEU D 126 -59.45 -22.82 24.03
N GLN D 127 -58.61 -23.80 23.70
CA GLN D 127 -57.70 -24.36 24.69
C GLN D 127 -56.64 -23.34 25.09
N ALA D 128 -56.29 -22.42 24.17
CA ALA D 128 -55.36 -21.34 24.47
C ALA D 128 -56.06 -20.09 25.00
N ASN D 129 -57.32 -20.23 25.43
CA ASN D 129 -58.07 -19.15 26.08
C ASN D 129 -58.23 -17.93 25.18
N LYS D 130 -58.40 -18.17 23.88
CA LYS D 130 -58.63 -17.10 22.91
C LYS D 130 -59.62 -17.60 21.86
N ALA D 131 -60.06 -16.68 21.00
CA ALA D 131 -60.99 -17.02 19.93
C ALA D 131 -60.84 -16.02 18.80
N THR D 132 -60.68 -16.52 17.59
CA THR D 132 -60.49 -15.68 16.42
C THR D 132 -61.32 -16.23 15.26
N LEU D 133 -62.12 -15.35 14.65
CA LEU D 133 -62.90 -15.69 13.48
C LEU D 133 -62.17 -15.23 12.22
N VAL D 134 -62.12 -16.09 11.22
CA VAL D 134 -61.31 -15.86 10.02
C VAL D 134 -62.26 -15.73 8.84
N CYS D 135 -62.36 -14.52 8.30
CA CYS D 135 -63.25 -14.21 7.19
C CYS D 135 -62.38 -13.84 5.98
N LEU D 136 -62.33 -14.73 4.99
CA LEU D 136 -61.41 -14.60 3.87
C LEU D 136 -62.21 -14.29 2.60
N ILE D 137 -61.77 -13.27 1.88
CA ILE D 137 -62.45 -12.79 0.68
C ILE D 137 -61.48 -12.89 -0.49
N SER D 138 -61.92 -13.52 -1.58
CA SER D 138 -61.06 -13.73 -2.74
C SER D 138 -61.87 -13.56 -4.02
N ASP D 139 -61.15 -13.48 -5.14
CA ASP D 139 -61.71 -13.43 -6.48
C ASP D 139 -62.76 -12.33 -6.63
N PHE D 140 -62.37 -11.11 -6.29
CA PHE D 140 -63.24 -9.95 -6.43
C PHE D 140 -62.48 -8.80 -7.06
N TYR D 141 -63.20 -7.99 -7.84
CA TYR D 141 -62.62 -6.91 -8.62
C TYR D 141 -63.68 -5.82 -8.73
N PRO D 142 -63.36 -4.57 -8.37
CA PRO D 142 -62.06 -4.16 -7.84
C PRO D 142 -61.89 -4.48 -6.36
N GLY D 143 -60.81 -3.96 -5.76
CA GLY D 143 -60.48 -4.31 -4.39
C GLY D 143 -61.38 -3.68 -3.35
N ALA D 144 -62.00 -2.54 -3.67
CA ALA D 144 -62.75 -1.79 -2.68
C ALA D 144 -63.85 -2.65 -2.09
N VAL D 145 -63.77 -2.89 -0.78
CA VAL D 145 -64.69 -3.77 -0.08
C VAL D 145 -64.89 -3.23 1.33
N THR D 146 -66.10 -3.40 1.86
CA THR D 146 -66.42 -3.08 3.24
C THR D 146 -66.93 -4.34 3.93
N VAL D 147 -66.46 -4.56 5.16
CA VAL D 147 -66.72 -5.79 5.91
C VAL D 147 -67.56 -5.45 7.13
N ALA D 148 -68.56 -6.29 7.40
CA ALA D 148 -69.45 -6.10 8.54
C ALA D 148 -69.51 -7.38 9.38
N TRP D 149 -69.45 -7.21 10.70
CA TRP D 149 -69.52 -8.30 11.65
C TRP D 149 -70.76 -8.14 12.51
N LYS D 150 -71.34 -9.26 12.95
CA LYS D 150 -72.62 -9.23 13.65
C LYS D 150 -72.61 -10.17 14.86
N ALA D 151 -73.24 -9.72 15.95
CA ALA D 151 -73.40 -10.52 17.17
C ALA D 151 -74.83 -11.04 17.25
N ASP D 152 -75.08 -12.11 16.49
CA ASP D 152 -76.32 -12.87 16.39
C ASP D 152 -77.46 -12.11 15.71
N SER D 153 -77.46 -10.78 15.80
CA SER D 153 -78.16 -9.92 14.85
C SER D 153 -77.53 -8.54 14.91
N SER D 154 -76.55 -8.38 15.80
CA SER D 154 -76.11 -7.06 16.25
C SER D 154 -74.71 -6.76 15.77
N PRO D 155 -74.50 -5.61 15.14
CA PRO D 155 -73.17 -5.30 14.58
C PRO D 155 -72.11 -5.19 15.66
N VAL D 156 -70.94 -5.73 15.36
CA VAL D 156 -69.77 -5.66 16.24
C VAL D 156 -68.71 -4.88 15.49
N LYS D 157 -68.29 -3.74 16.06
CA LYS D 157 -67.38 -2.85 15.38
C LYS D 157 -66.04 -2.65 16.09
N ALA D 158 -65.95 -2.98 17.37
CA ALA D 158 -64.70 -2.89 18.10
C ALA D 158 -63.92 -4.20 18.01
N GLY D 159 -62.60 -4.08 17.97
CA GLY D 159 -61.74 -5.25 17.87
C GLY D 159 -61.64 -5.87 16.49
N VAL D 160 -61.99 -5.12 15.44
CA VAL D 160 -61.96 -5.64 14.08
C VAL D 160 -60.73 -5.08 13.38
N GLU D 161 -59.93 -5.96 12.78
CA GLU D 161 -58.78 -5.58 11.97
C GLU D 161 -58.91 -6.22 10.59
N THR D 162 -59.04 -5.37 9.57
CA THR D 162 -59.30 -5.81 8.21
C THR D 162 -58.14 -5.37 7.31
N THR D 163 -57.72 -6.25 6.41
CA THR D 163 -56.55 -5.98 5.60
C THR D 163 -56.90 -5.04 4.44
N THR D 164 -55.84 -4.49 3.85
CA THR D 164 -55.97 -3.73 2.60
C THR D 164 -56.03 -4.69 1.42
N PRO D 165 -56.96 -4.50 0.49
CA PRO D 165 -57.09 -5.45 -0.62
C PRO D 165 -55.83 -5.48 -1.48
N SER D 166 -55.44 -6.69 -1.89
CA SER D 166 -54.26 -6.90 -2.70
C SER D 166 -54.56 -7.93 -3.78
N LYS D 167 -53.97 -7.74 -4.95
CA LYS D 167 -54.25 -8.62 -6.09
C LYS D 167 -53.68 -10.01 -5.85
N GLN D 168 -54.32 -11.00 -6.46
CA GLN D 168 -53.81 -12.37 -6.44
C GLN D 168 -52.85 -12.56 -7.60
N SER D 169 -52.38 -13.78 -7.80
CA SER D 169 -51.59 -14.10 -8.99
C SER D 169 -52.47 -14.06 -10.24
N ASN D 170 -53.77 -14.31 -10.07
CA ASN D 170 -54.72 -14.30 -11.18
C ASN D 170 -55.31 -12.92 -11.43
N ASN D 171 -54.67 -11.86 -10.94
CA ASN D 171 -55.09 -10.48 -11.19
C ASN D 171 -56.50 -10.21 -10.68
N LYS D 172 -56.83 -10.78 -9.53
CA LYS D 172 -58.04 -10.46 -8.80
C LYS D 172 -57.65 -10.16 -7.36
N TYR D 173 -58.42 -9.30 -6.71
CA TYR D 173 -58.04 -8.86 -5.38
C TYR D 173 -58.32 -9.93 -4.35
N ALA D 174 -57.66 -9.80 -3.20
CA ALA D 174 -57.87 -10.68 -2.06
C ALA D 174 -57.64 -9.90 -0.78
N ALA D 175 -58.51 -10.10 0.20
CA ALA D 175 -58.41 -9.40 1.47
C ALA D 175 -58.91 -10.32 2.57
N SER D 176 -58.53 -10.01 3.80
CA SER D 176 -58.90 -10.80 4.96
C SER D 176 -59.20 -9.89 6.13
N SER D 177 -60.05 -10.36 7.04
CA SER D 177 -60.38 -9.64 8.25
C SER D 177 -60.37 -10.60 9.42
N TYR D 178 -59.84 -10.13 10.55
CA TYR D 178 -59.70 -10.93 11.76
C TYR D 178 -60.41 -10.24 12.91
N LEU D 179 -61.11 -11.03 13.72
CA LEU D 179 -61.87 -10.53 14.85
C LEU D 179 -61.30 -11.14 16.12
N SER D 180 -60.86 -10.28 17.03
CA SER D 180 -60.29 -10.73 18.30
C SER D 180 -61.41 -10.90 19.31
N LEU D 181 -61.59 -12.13 19.80
CA LEU D 181 -62.62 -12.41 20.78
C LEU D 181 -62.07 -13.30 21.88
N THR D 182 -62.79 -13.30 23.00
CA THR D 182 -62.51 -14.09 24.19
C THR D 182 -63.37 -15.34 24.21
N PRO D 183 -62.96 -16.38 24.94
CA PRO D 183 -63.83 -17.57 25.09
C PRO D 183 -65.16 -17.24 25.73
N GLU D 184 -65.26 -16.14 26.48
CA GLU D 184 -66.54 -15.75 27.06
C GLU D 184 -67.56 -15.41 25.98
N GLN D 185 -67.22 -14.45 25.11
CA GLN D 185 -68.15 -14.00 24.07
C GLN D 185 -68.55 -15.12 23.12
N TRP D 186 -67.60 -15.99 22.75
CA TRP D 186 -67.87 -16.95 21.69
C TRP D 186 -68.90 -17.99 22.11
N LYS D 187 -68.71 -18.63 23.26
CA LYS D 187 -69.66 -19.66 23.68
C LYS D 187 -70.95 -19.07 24.26
N SER D 188 -70.89 -17.85 24.81
CA SER D 188 -72.09 -17.27 25.41
C SER D 188 -73.11 -16.81 24.37
N HIS D 189 -72.67 -16.51 23.16
CA HIS D 189 -73.55 -16.02 22.11
C HIS D 189 -73.88 -17.14 21.12
N ARG D 190 -75.03 -17.00 20.46
CA ARG D 190 -75.54 -18.08 19.62
C ARG D 190 -74.70 -18.28 18.37
N SER D 191 -74.23 -17.19 17.75
CA SER D 191 -73.49 -17.30 16.49
C SER D 191 -72.82 -15.96 16.20
N TYR D 192 -71.99 -15.95 15.16
CA TYR D 192 -71.37 -14.73 14.68
C TYR D 192 -71.31 -14.76 13.16
N SER D 193 -71.43 -13.57 12.55
CA SER D 193 -71.57 -13.46 11.11
C SER D 193 -70.55 -12.47 10.55
N CYS D 194 -70.13 -12.72 9.32
CA CYS D 194 -69.25 -11.83 8.57
C CYS D 194 -69.97 -11.42 7.29
N GLN D 195 -70.33 -10.14 7.18
CA GLN D 195 -71.05 -9.62 6.03
C GLN D 195 -70.10 -8.79 5.18
N VAL D 196 -69.97 -9.17 3.91
CA VAL D 196 -69.03 -8.55 2.98
C VAL D 196 -69.83 -7.82 1.90
N THR D 197 -69.47 -6.57 1.65
CA THR D 197 -70.14 -5.73 0.66
C THR D 197 -69.19 -5.43 -0.49
N HIS D 198 -69.66 -5.65 -1.72
CA HIS D 198 -68.87 -5.38 -2.92
C HIS D 198 -69.78 -4.84 -4.01
N GLU D 199 -69.50 -3.62 -4.45
CA GLU D 199 -70.30 -2.95 -5.51
C GLU D 199 -71.78 -2.96 -5.17
N GLY D 200 -72.10 -2.76 -3.90
CA GLY D 200 -73.49 -2.80 -3.42
C GLY D 200 -73.97 -4.17 -3.00
N SER D 201 -73.58 -5.21 -3.75
CA SER D 201 -74.01 -6.57 -3.41
C SER D 201 -73.46 -6.98 -2.05
N THR D 202 -74.16 -7.89 -1.39
CA THR D 202 -73.83 -8.32 -0.04
C THR D 202 -73.76 -9.85 0.03
N VAL D 203 -72.85 -10.34 0.86
CA VAL D 203 -72.68 -11.77 1.10
C VAL D 203 -72.35 -11.99 2.57
N GLU D 204 -73.09 -12.86 3.23
CA GLU D 204 -72.92 -13.13 4.66
C GLU D 204 -72.75 -14.62 4.90
N LYS D 205 -71.94 -14.96 5.91
CA LYS D 205 -71.78 -16.33 6.37
C LYS D 205 -71.80 -16.35 7.89
N THR D 206 -72.31 -17.43 8.46
CA THR D 206 -72.50 -17.51 9.90
C THR D 206 -72.18 -18.92 10.40
N VAL D 207 -71.54 -19.01 11.57
CA VAL D 207 -71.22 -20.27 12.22
C VAL D 207 -71.51 -20.14 13.72
N ALA D 208 -71.72 -21.29 14.36
CA ALA D 208 -72.06 -21.36 15.77
C ALA D 208 -71.15 -22.34 16.50
N PRO D 209 -70.76 -22.03 17.75
CA PRO D 209 -69.78 -22.87 18.45
C PRO D 209 -70.24 -24.29 18.76
N THR D 210 -71.36 -24.41 19.48
CA THR D 210 -71.82 -25.73 19.91
C THR D 210 -72.30 -26.58 18.76
N GLU D 211 -72.69 -25.96 17.64
CA GLU D 211 -73.25 -26.65 16.49
C GLU D 211 -72.13 -26.91 15.49
N CYS D 212 -72.00 -28.16 15.06
CA CYS D 212 -70.90 -28.54 14.17
C CYS D 212 -71.01 -27.83 12.83
N SER D 213 -69.89 -27.31 12.37
CA SER D 213 -69.85 -26.54 11.12
C SER D 213 -69.06 -27.27 10.05
N GLN E 5 28.47 5.67 18.77
CA GLN E 5 28.87 4.60 19.67
C GLN E 5 28.42 3.27 19.10
N GLU E 6 29.37 2.35 18.90
CA GLU E 6 29.11 1.08 18.24
C GLU E 6 28.94 -0.04 19.26
N SER E 7 28.07 -0.99 18.92
CA SER E 7 27.78 -2.13 19.78
C SER E 7 27.37 -3.31 18.91
N GLY E 8 27.45 -4.51 19.49
CA GLY E 8 27.07 -5.73 18.81
C GLY E 8 28.20 -6.74 18.78
N PRO E 9 27.85 -8.02 18.78
CA PRO E 9 28.88 -9.07 18.90
C PRO E 9 29.70 -9.19 17.63
N GLY E 10 30.74 -10.01 17.72
CA GLY E 10 31.61 -10.24 16.58
C GLY E 10 31.59 -11.63 16.01
N LEU E 11 31.02 -12.60 16.72
CA LEU E 11 30.89 -13.96 16.19
C LEU E 11 29.50 -14.16 15.59
N VAL E 12 29.46 -14.84 14.44
CA VAL E 12 28.21 -15.20 13.78
C VAL E 12 28.47 -16.43 12.93
N LYS E 13 27.50 -17.35 12.91
CA LYS E 13 27.66 -18.49 12.01
C LYS E 13 27.25 -18.12 10.59
N PRO E 14 27.89 -18.72 9.58
CA PRO E 14 27.50 -18.45 8.19
C PRO E 14 26.04 -18.81 7.95
N SER E 15 25.44 -18.12 6.98
CA SER E 15 24.04 -18.23 6.56
C SER E 15 23.07 -17.60 7.56
N GLN E 16 23.56 -17.12 8.70
CA GLN E 16 22.74 -16.47 9.70
C GLN E 16 22.60 -14.98 9.38
N THR E 17 22.00 -14.23 10.31
CA THR E 17 21.78 -12.80 10.15
C THR E 17 22.40 -12.11 11.35
N LEU E 18 23.31 -11.18 11.09
CA LEU E 18 24.04 -10.48 12.14
C LEU E 18 23.58 -9.02 12.22
N SER E 19 23.63 -8.48 13.42
CA SER E 19 23.13 -7.14 13.69
C SER E 19 24.24 -6.26 14.25
N LEU E 20 24.22 -4.98 13.86
CA LEU E 20 25.10 -3.97 14.40
C LEU E 20 24.28 -2.73 14.75
N THR E 21 24.55 -2.15 15.91
CA THR E 21 23.82 -0.97 16.37
C THR E 21 24.80 0.16 16.62
N CYS E 22 24.34 1.38 16.40
CA CYS E 22 25.14 2.58 16.57
C CYS E 22 24.38 3.56 17.46
N THR E 23 25.00 3.96 18.57
CA THR E 23 24.36 4.83 19.54
C THR E 23 24.77 6.29 19.28
N VAL E 24 23.97 7.22 19.78
CA VAL E 24 24.07 8.63 19.42
C VAL E 24 24.06 9.46 20.69
N SER E 25 25.15 10.17 20.94
CA SER E 25 25.30 11.01 22.12
C SER E 25 25.74 12.40 21.71
N GLY E 26 25.42 13.37 22.56
CA GLY E 26 25.72 14.76 22.26
C GLY E 26 27.11 15.19 22.73
N TYR E 34 22.74 15.04 10.25
CA TYR E 34 21.42 14.50 10.51
C TYR E 34 21.08 13.43 9.48
N ALA E 35 22.04 12.53 9.23
CA ALA E 35 21.86 11.39 8.35
C ALA E 35 22.87 10.32 8.73
N TRP E 36 22.40 9.15 9.12
CA TRP E 36 23.24 8.06 9.58
C TRP E 36 23.53 7.08 8.43
N SER E 37 24.80 6.76 8.24
CA SER E 37 25.24 5.88 7.16
C SER E 37 26.10 4.74 7.72
N TRP E 38 26.19 3.68 6.93
CA TRP E 38 27.03 2.53 7.26
C TRP E 38 28.14 2.40 6.23
N ILE E 39 29.39 2.40 6.69
CA ILE E 39 30.55 2.16 5.84
C ILE E 39 31.37 1.04 6.47
N ARG E 40 31.73 0.05 5.66
CA ARG E 40 32.54 -1.06 6.14
C ARG E 40 33.85 -1.10 5.38
N GLN E 41 34.84 -1.77 5.98
CA GLN E 41 36.19 -1.85 5.41
C GLN E 41 36.63 -3.30 5.43
N PRO E 42 36.57 -3.99 4.29
CA PRO E 42 37.14 -5.34 4.23
C PRO E 42 38.60 -5.31 4.62
N PRO E 43 39.11 -6.38 5.23
CA PRO E 43 40.47 -6.35 5.79
C PRO E 43 41.54 -5.89 4.82
N GLY E 44 42.23 -4.81 5.16
CA GLY E 44 43.26 -4.25 4.32
C GLY E 44 42.77 -3.53 3.07
N LYS E 45 41.46 -3.53 2.82
CA LYS E 45 40.92 -2.98 1.58
C LYS E 45 40.49 -1.53 1.76
N GLY E 46 39.96 -0.95 0.68
CA GLY E 46 39.44 0.40 0.73
C GLY E 46 38.03 0.44 1.29
N LEU E 47 37.53 1.66 1.47
CA LEU E 47 36.22 1.84 2.07
C LEU E 47 35.12 1.42 1.10
N GLU E 48 34.06 0.84 1.67
CA GLU E 48 32.94 0.30 0.90
C GLU E 48 31.64 0.81 1.49
N TRP E 49 30.89 1.59 0.73
CA TRP E 49 29.63 2.12 1.21
C TRP E 49 28.60 1.01 1.32
N MET E 50 27.68 1.16 2.27
CA MET E 50 26.67 0.13 2.46
C MET E 50 25.26 0.66 2.41
N GLY E 51 25.00 1.82 3.00
CA GLY E 51 23.66 2.37 3.02
C GLY E 51 23.63 3.68 3.76
N VAL E 52 22.42 4.21 3.91
CA VAL E 52 22.20 5.47 4.61
C VAL E 52 20.75 5.51 5.05
N ILE E 53 20.49 6.21 6.16
CA ILE E 53 19.14 6.38 6.68
C ILE E 53 19.02 7.78 7.25
N ALA E 54 18.15 8.59 6.66
CA ALA E 54 17.97 9.96 7.13
C ALA E 54 16.79 10.02 8.10
N SER E 55 16.84 10.98 9.02
CA SER E 55 15.73 11.18 9.92
C SER E 55 14.58 11.86 9.21
N ASP E 56 14.88 12.90 8.43
CA ASP E 56 13.85 13.56 7.64
C ASP E 56 13.34 12.65 6.52
N GLY E 57 14.23 12.25 5.62
CA GLY E 57 13.88 11.38 4.52
C GLY E 57 13.80 9.90 4.87
N SER E 58 13.98 9.08 3.86
CA SER E 58 13.93 7.62 3.97
C SER E 58 15.28 7.02 3.58
N THR E 59 15.30 5.71 3.43
CA THR E 59 16.51 4.93 3.26
C THR E 59 16.99 4.95 1.80
N TYR E 60 18.28 4.65 1.62
CA TYR E 60 18.87 4.35 0.33
C TYR E 60 19.79 3.14 0.50
N TYR E 61 20.06 2.46 -0.61
CA TYR E 61 20.95 1.31 -0.58
C TYR E 61 21.85 1.32 -1.81
N SER E 62 22.93 0.55 -1.72
CA SER E 62 23.88 0.27 -2.79
C SER E 62 23.53 -1.05 -3.46
N PRO E 63 23.56 -1.09 -4.79
CA PRO E 63 23.11 -2.31 -5.50
C PRO E 63 23.82 -3.59 -5.07
N SER E 64 25.14 -3.54 -4.90
CA SER E 64 25.90 -4.73 -4.49
C SER E 64 25.32 -5.33 -3.21
N LEU E 65 24.97 -4.50 -2.23
CA LEU E 65 24.46 -4.96 -0.95
C LEU E 65 22.95 -4.78 -0.81
N LYS E 66 22.30 -4.15 -1.80
CA LYS E 66 20.87 -3.86 -1.80
C LYS E 66 20.01 -5.04 -1.37
N SER E 67 20.32 -6.23 -1.89
CA SER E 67 19.49 -7.40 -1.61
C SER E 67 19.65 -7.89 -0.18
N ARG E 68 20.82 -7.71 0.41
CA ARG E 68 21.16 -8.31 1.68
C ARG E 68 21.12 -7.31 2.85
N THR E 69 20.85 -6.04 2.58
CA THR E 69 20.95 -5.00 3.58
C THR E 69 19.57 -4.49 3.97
N SER E 70 19.37 -4.33 5.28
CA SER E 70 18.14 -3.79 5.84
C SER E 70 18.50 -2.79 6.92
N ILE E 71 17.91 -1.61 6.87
CA ILE E 71 18.22 -0.53 7.81
C ILE E 71 16.96 -0.12 8.54
N SER E 72 17.02 -0.13 9.87
CA SER E 72 15.93 0.28 10.74
C SER E 72 16.37 1.47 11.58
N ARG E 73 15.39 2.12 12.21
CA ARG E 73 15.63 3.28 13.05
C ARG E 73 14.74 3.24 14.28
N ASP E 74 15.28 3.69 15.40
CA ASP E 74 14.55 3.81 16.67
C ASP E 74 14.72 5.26 17.12
N THR E 75 13.82 6.13 16.65
CA THR E 75 13.92 7.55 16.97
C THR E 75 13.73 7.82 18.47
N SER E 76 12.88 7.04 19.14
CA SER E 76 12.69 7.22 20.57
C SER E 76 13.97 6.91 21.34
N LYS E 77 14.76 5.95 20.88
CA LYS E 77 16.10 5.73 21.40
C LYS E 77 17.17 6.50 20.64
N ASN E 78 16.82 7.13 19.52
CA ASN E 78 17.79 7.81 18.66
C ASN E 78 18.93 6.87 18.28
N GLN E 79 18.59 5.61 18.00
CA GLN E 79 19.54 4.63 17.52
C GLN E 79 19.06 4.05 16.19
N PHE E 80 20.02 3.54 15.42
CA PHE E 80 19.73 2.89 14.15
C PHE E 80 20.64 1.68 13.98
N SER E 81 20.09 0.60 13.44
CA SER E 81 20.73 -0.69 13.44
C SER E 81 20.87 -1.22 12.02
N LEU E 82 21.96 -1.93 11.76
CA LEU E 82 22.20 -2.60 10.48
C LEU E 82 21.83 -4.07 10.60
N GLN E 83 21.26 -4.63 9.55
CA GLN E 83 21.00 -6.06 9.45
C GLN E 83 21.42 -6.55 8.08
N LEU E 84 22.48 -7.36 8.04
CA LEU E 84 22.94 -8.01 6.82
C LEU E 84 22.60 -9.48 6.97
N SER E 85 21.65 -9.96 6.16
CA SER E 85 21.12 -11.30 6.31
C SER E 85 21.89 -12.30 5.46
N SER E 86 21.75 -13.58 5.82
CA SER E 86 22.40 -14.69 5.13
C SER E 86 23.90 -14.44 4.98
N VAL E 87 24.57 -14.31 6.13
CA VAL E 87 25.97 -13.96 6.14
C VAL E 87 26.82 -15.14 5.64
N THR E 88 27.89 -14.81 4.94
CA THR E 88 28.89 -15.76 4.46
C THR E 88 30.25 -15.20 4.83
N PRO E 89 31.32 -16.03 4.77
CA PRO E 89 32.66 -15.54 5.09
C PRO E 89 33.10 -14.31 4.30
N GLU E 90 32.42 -14.02 3.19
CA GLU E 90 32.72 -12.82 2.42
C GLU E 90 32.34 -11.54 3.16
N ASP E 91 31.40 -11.61 4.10
CA ASP E 91 30.93 -10.44 4.83
C ASP E 91 31.85 -9.99 5.95
N THR E 92 32.95 -10.70 6.19
CA THR E 92 33.92 -10.29 7.20
C THR E 92 34.56 -8.95 6.83
N ALA E 93 34.40 -7.96 7.70
CA ALA E 93 34.91 -6.61 7.44
C ALA E 93 34.88 -5.82 8.75
N VAL E 94 35.55 -4.67 8.72
CA VAL E 94 35.50 -3.71 9.82
C VAL E 94 34.40 -2.71 9.53
N TYR E 95 33.43 -2.60 10.43
CA TYR E 95 32.24 -1.79 10.21
C TYR E 95 32.31 -0.46 10.96
N TYR E 96 32.13 0.63 10.23
CA TYR E 96 32.03 1.96 10.80
C TYR E 96 30.63 2.52 10.59
N CYS E 97 30.15 3.31 11.55
CA CYS E 97 28.94 4.12 11.34
C CYS E 97 29.34 5.59 11.42
N ALA E 98 29.06 6.32 10.36
CA ALA E 98 29.47 7.71 10.20
C ALA E 98 28.24 8.60 10.14
N LEU E 99 28.34 9.78 10.74
CA LEU E 99 27.23 10.71 10.88
C LEU E 99 27.44 11.87 9.91
N TYR E 100 26.38 12.21 9.18
CA TYR E 100 26.40 13.29 8.20
C TYR E 100 25.73 14.56 8.70
N ILE E 101 26.48 15.67 8.65
CA ILE E 101 25.98 16.99 9.00
C ILE E 101 27.11 18.00 8.80
N SER E 105 19.67 18.37 2.44
CA SER E 105 19.38 16.94 2.35
C SER E 105 20.66 16.13 2.16
N TRP E 106 20.58 14.83 2.46
CA TRP E 106 21.74 13.97 2.30
C TRP E 106 21.97 13.66 0.82
N SER E 107 23.21 13.78 0.38
CA SER E 107 23.61 13.45 -0.98
C SER E 107 24.74 12.43 -0.95
N GLY E 108 25.05 11.88 -2.12
CA GLY E 108 26.10 10.89 -2.20
C GLY E 108 27.48 11.46 -1.90
N TRP E 109 27.78 12.63 -2.44
CA TRP E 109 29.07 13.28 -2.23
C TRP E 109 29.19 13.92 -0.86
N SER E 110 28.23 13.70 0.02
CA SER E 110 28.23 14.33 1.33
C SER E 110 29.27 13.67 2.23
N ALA E 111 29.80 14.45 3.17
CA ALA E 111 30.88 14.03 4.04
C ALA E 111 30.37 13.79 5.45
N TYR E 112 31.14 13.01 6.20
CA TYR E 112 30.78 12.60 7.55
C TYR E 112 31.79 13.15 8.54
N ASP E 113 31.33 14.01 9.45
CA ASP E 113 32.21 14.66 10.40
C ASP E 113 32.58 13.73 11.56
N TYR E 114 31.57 13.12 12.20
CA TYR E 114 31.79 12.25 13.34
C TYR E 114 31.70 10.80 12.89
N TRP E 115 32.82 10.09 12.95
CA TRP E 115 32.88 8.68 12.61
C TRP E 115 32.93 7.84 13.88
N GLY E 116 32.26 6.69 13.83
CA GLY E 116 32.33 5.76 14.93
C GLY E 116 33.71 5.16 15.08
N GLN E 117 34.00 4.72 16.32
CA GLN E 117 35.30 4.14 16.62
C GLN E 117 35.59 2.90 15.80
N GLY E 118 34.56 2.24 15.30
CA GLY E 118 34.68 1.02 14.52
C GLY E 118 34.64 -0.23 15.37
N THR E 119 34.23 -1.33 14.73
CA THR E 119 34.20 -2.62 15.40
C THR E 119 34.51 -3.70 14.39
N GLN E 120 35.30 -4.69 14.82
CA GLN E 120 35.72 -5.77 13.95
C GLN E 120 34.72 -6.93 14.04
N VAL E 121 34.23 -7.37 12.89
CA VAL E 121 33.34 -8.53 12.81
C VAL E 121 33.98 -9.56 11.89
N THR E 122 34.23 -10.75 12.42
CA THR E 122 34.84 -11.84 11.68
C THR E 122 33.83 -12.97 11.54
N VAL E 123 33.53 -13.34 10.30
CA VAL E 123 32.55 -14.37 9.99
C VAL E 123 33.30 -15.56 9.40
N SER E 124 33.32 -16.67 10.15
CA SER E 124 33.95 -17.90 9.67
C SER E 124 33.35 -19.06 10.44
N SER E 125 33.58 -20.27 9.92
CA SER E 125 33.01 -21.47 10.51
C SER E 125 33.58 -21.80 11.87
N ALA E 126 34.80 -21.37 12.16
CA ALA E 126 35.42 -21.69 13.43
C ALA E 126 34.72 -20.98 14.57
N SER E 127 34.76 -21.61 15.75
CA SER E 127 34.14 -21.06 16.94
C SER E 127 35.16 -20.17 17.66
N THR E 128 34.82 -19.72 18.86
CA THR E 128 35.67 -18.81 19.61
C THR E 128 36.47 -19.60 20.64
N LYS E 129 37.76 -19.32 20.73
CA LYS E 129 38.67 -20.00 21.63
C LYS E 129 39.17 -19.04 22.70
N GLY E 130 39.06 -19.46 23.96
CA GLY E 130 39.60 -18.69 25.05
C GLY E 130 41.12 -18.71 25.00
N PRO E 131 41.74 -17.55 25.16
CA PRO E 131 43.20 -17.49 25.03
C PRO E 131 43.89 -18.16 26.21
N SER E 132 44.89 -18.99 25.91
CA SER E 132 45.70 -19.61 26.95
C SER E 132 46.72 -18.57 27.40
N VAL E 133 46.31 -17.73 28.34
CA VAL E 133 47.16 -16.64 28.81
C VAL E 133 48.19 -17.19 29.78
N PHE E 134 49.41 -16.68 29.70
CA PHE E 134 50.49 -17.09 30.57
C PHE E 134 51.32 -15.86 30.91
N PRO E 135 51.74 -15.71 32.16
CA PRO E 135 52.58 -14.57 32.52
C PRO E 135 54.01 -14.77 32.09
N LEU E 136 54.72 -13.66 31.92
CA LEU E 136 56.13 -13.67 31.56
C LEU E 136 56.89 -13.01 32.69
N ALA E 137 57.59 -13.81 33.49
CA ALA E 137 58.32 -13.28 34.63
C ALA E 137 59.40 -12.32 34.14
N PRO E 138 59.68 -11.25 34.88
CA PRO E 138 60.72 -10.31 34.46
C PRO E 138 62.10 -10.93 34.55
N SER E 139 63.03 -10.34 33.81
CA SER E 139 64.40 -10.81 33.87
C SER E 139 64.93 -10.63 35.28
N SER E 140 65.38 -11.73 35.90
CA SER E 140 65.85 -11.70 37.28
C SER E 140 66.98 -10.73 37.50
N LYS E 141 67.60 -10.22 36.44
CA LYS E 141 68.74 -9.32 36.57
C LYS E 141 68.33 -8.03 37.27
N SER E 142 69.17 -7.58 38.20
CA SER E 142 68.98 -6.32 38.90
C SER E 142 69.88 -5.25 38.29
N THR E 143 69.32 -4.05 38.12
CA THR E 143 69.96 -2.99 37.37
C THR E 143 70.37 -1.85 38.29
N SER E 144 71.49 -1.20 37.95
CA SER E 144 71.98 -0.07 38.73
C SER E 144 71.25 1.22 38.40
N GLY E 145 70.70 1.34 37.20
CA GLY E 145 69.93 2.50 36.80
C GLY E 145 68.44 2.27 36.93
N GLY E 146 68.00 1.08 36.52
CA GLY E 146 66.60 0.72 36.55
C GLY E 146 66.00 0.54 35.17
N THR E 147 65.92 -0.71 34.73
CA THR E 147 65.30 -1.04 33.45
C THR E 147 64.83 -2.49 33.54
N ALA E 148 63.53 -2.71 33.33
CA ALA E 148 62.98 -4.07 33.37
C ALA E 148 61.76 -4.11 32.47
N ALA E 149 61.83 -4.90 31.41
CA ALA E 149 60.72 -5.04 30.46
C ALA E 149 60.09 -6.41 30.69
N LEU E 150 59.04 -6.44 31.49
CA LEU E 150 58.26 -7.65 31.74
C LEU E 150 56.92 -7.55 31.02
N GLY E 151 56.36 -8.71 30.66
CA GLY E 151 55.14 -8.70 29.90
C GLY E 151 54.12 -9.79 30.18
N CYS E 152 53.18 -9.95 29.25
CA CYS E 152 52.13 -10.96 29.31
C CYS E 152 52.05 -11.64 27.96
N LEU E 153 51.46 -12.83 27.95
CA LEU E 153 51.39 -13.66 26.75
C LEU E 153 49.95 -14.07 26.51
N VAL E 154 49.42 -13.71 25.34
CA VAL E 154 48.06 -14.08 24.97
C VAL E 154 48.14 -15.10 23.83
N LYS E 155 48.15 -16.38 24.20
CA LYS E 155 48.32 -17.47 23.24
C LYS E 155 46.97 -18.08 22.87
N ASP E 156 46.88 -18.55 21.63
CA ASP E 156 45.79 -19.41 21.15
C ASP E 156 44.42 -18.77 21.39
N TYR E 157 44.19 -17.66 20.69
CA TYR E 157 42.88 -17.01 20.72
C TYR E 157 42.39 -16.77 19.30
N PHE E 158 41.07 -16.82 19.14
CA PHE E 158 40.40 -16.58 17.87
C PHE E 158 39.00 -16.07 18.16
N PRO E 159 38.54 -15.00 17.50
CA PRO E 159 39.30 -14.16 16.57
C PRO E 159 39.89 -12.92 17.23
N GLU E 160 40.34 -11.97 16.41
CA GLU E 160 40.82 -10.67 16.85
C GLU E 160 39.67 -9.69 17.02
N PRO E 161 39.85 -8.62 17.82
CA PRO E 161 41.02 -8.21 18.59
C PRO E 161 40.93 -8.49 20.08
N VAL E 162 41.95 -8.10 20.84
CA VAL E 162 42.00 -8.28 22.28
C VAL E 162 42.65 -7.05 22.92
N THR E 163 41.90 -6.34 23.74
CA THR E 163 42.45 -5.21 24.49
C THR E 163 43.16 -5.72 25.74
N VAL E 164 44.40 -5.27 25.94
CA VAL E 164 45.23 -5.70 27.06
C VAL E 164 45.51 -4.49 27.94
N SER E 165 44.94 -4.49 29.14
CA SER E 165 45.18 -3.46 30.14
C SER E 165 46.06 -4.03 31.26
N TRP E 166 46.91 -3.18 31.82
CA TRP E 166 47.83 -3.56 32.88
C TRP E 166 47.40 -2.95 34.20
N ASN E 167 47.30 -3.79 35.24
CA ASN E 167 46.90 -3.38 36.58
C ASN E 167 45.59 -2.59 36.55
N SER E 168 44.63 -3.07 35.78
CA SER E 168 43.31 -2.44 35.62
C SER E 168 43.44 -0.98 35.17
N GLY E 169 44.28 -0.76 34.16
CA GLY E 169 44.45 0.56 33.60
C GLY E 169 45.18 1.55 34.48
N ALA E 170 45.90 1.06 35.50
CA ALA E 170 46.67 1.93 36.37
C ALA E 170 48.08 2.19 35.88
N LEU E 171 48.54 1.43 34.89
CA LEU E 171 49.90 1.56 34.37
C LEU E 171 49.84 1.82 32.87
N THR E 172 50.34 2.99 32.46
CA THR E 172 50.41 3.36 31.06
C THR E 172 51.84 3.65 30.58
N SER E 173 52.76 3.91 31.50
CA SER E 173 54.13 4.27 31.12
C SER E 173 54.86 3.08 30.52
N GLY E 174 55.52 3.32 29.39
CA GLY E 174 56.38 2.33 28.75
C GLY E 174 55.68 1.05 28.32
N VAL E 175 54.35 1.02 28.42
CA VAL E 175 53.61 -0.19 28.06
C VAL E 175 53.62 -0.36 26.55
N HIS E 176 53.83 -1.59 26.11
CA HIS E 176 53.76 -1.94 24.69
C HIS E 176 52.88 -3.18 24.56
N THR E 177 51.84 -3.08 23.74
CA THR E 177 50.97 -4.21 23.42
C THR E 177 51.17 -4.54 21.94
N PHE E 178 51.76 -5.70 21.68
CA PHE E 178 52.15 -6.06 20.33
C PHE E 178 50.96 -6.59 19.54
N PRO E 179 50.95 -6.37 18.23
CA PRO E 179 49.87 -6.92 17.39
C PRO E 179 49.95 -8.44 17.32
N ALA E 180 48.86 -9.03 16.86
CA ALA E 180 48.77 -10.48 16.86
C ALA E 180 49.44 -11.09 15.62
N VAL E 181 49.79 -12.36 15.76
CA VAL E 181 50.32 -13.16 14.67
C VAL E 181 49.30 -14.23 14.31
N LEU E 182 49.09 -14.46 13.03
CA LEU E 182 48.22 -15.52 12.56
C LEU E 182 49.05 -16.79 12.45
N GLN E 183 48.78 -17.75 13.33
CA GLN E 183 49.59 -18.94 13.42
C GLN E 183 49.18 -19.98 12.39
N SER E 184 50.11 -20.90 12.11
CA SER E 184 49.83 -22.01 11.19
C SER E 184 48.71 -22.89 11.72
N SER E 185 48.59 -23.01 13.04
CA SER E 185 47.49 -23.78 13.64
C SER E 185 46.13 -23.19 13.29
N GLY E 186 46.06 -21.89 12.98
CA GLY E 186 44.83 -21.23 12.65
C GLY E 186 44.33 -20.26 13.70
N LEU E 187 45.07 -20.07 14.77
CA LEU E 187 44.70 -19.21 15.88
C LEU E 187 45.58 -17.96 15.88
N TYR E 188 45.13 -16.95 16.61
CA TYR E 188 45.84 -15.70 16.74
C TYR E 188 46.52 -15.66 18.11
N SER E 189 47.60 -14.89 18.19
CA SER E 189 48.32 -14.75 19.45
C SER E 189 49.14 -13.48 19.43
N LEU E 190 49.08 -12.71 20.52
CA LEU E 190 49.90 -11.53 20.70
C LEU E 190 50.39 -11.47 22.14
N SER E 191 51.26 -10.50 22.41
CA SER E 191 51.82 -10.32 23.74
C SER E 191 51.89 -8.84 24.05
N SER E 192 51.88 -8.51 25.33
CA SER E 192 51.97 -7.13 25.81
C SER E 192 53.05 -7.06 26.88
N VAL E 193 53.94 -6.07 26.75
CA VAL E 193 55.08 -5.92 27.64
C VAL E 193 55.14 -4.49 28.15
N VAL E 194 55.40 -4.34 29.45
CA VAL E 194 55.52 -3.04 30.09
C VAL E 194 56.97 -2.81 30.48
N THR E 195 57.37 -1.53 30.47
CA THR E 195 58.71 -1.11 30.87
C THR E 195 58.60 -0.49 32.26
N VAL E 196 58.95 -1.27 33.27
CA VAL E 196 58.81 -0.83 34.66
C VAL E 196 60.20 -0.82 35.29
N PRO E 197 60.39 -0.01 36.33
CA PRO E 197 61.69 0.02 37.01
C PRO E 197 61.91 -1.24 37.84
N SER E 198 63.16 -1.69 37.88
CA SER E 198 63.56 -2.89 38.62
C SER E 198 63.88 -2.59 40.08
N SER E 199 63.57 -1.40 40.57
CA SER E 199 63.92 -1.03 41.95
C SER E 199 63.10 -1.85 42.96
N SER E 200 61.78 -1.71 42.92
CA SER E 200 60.89 -2.40 43.82
C SER E 200 60.16 -3.49 43.04
N LEU E 201 60.44 -4.75 43.37
CA LEU E 201 59.80 -5.89 42.74
C LEU E 201 59.08 -6.81 43.71
N GLY E 202 59.02 -6.46 45.01
CA GLY E 202 58.29 -7.24 45.97
C GLY E 202 57.10 -6.50 46.52
N THR E 203 57.09 -5.18 46.30
CA THR E 203 56.02 -4.31 46.79
C THR E 203 54.93 -4.07 45.75
N GLN E 204 55.31 -3.86 44.49
CA GLN E 204 54.36 -3.56 43.43
C GLN E 204 54.05 -4.83 42.65
N THR E 205 52.80 -5.27 42.72
CA THR E 205 52.35 -6.45 42.00
C THR E 205 51.77 -6.03 40.65
N TYR E 206 52.26 -6.66 39.58
CA TYR E 206 51.80 -6.34 38.24
C TYR E 206 50.92 -7.48 37.73
N ILE E 207 49.75 -7.13 37.22
CA ILE E 207 48.78 -8.09 36.71
C ILE E 207 48.32 -7.61 35.34
N CYS E 208 48.50 -8.44 34.33
CA CYS E 208 48.04 -8.12 32.98
C CYS E 208 46.57 -8.48 32.86
N ASN E 209 45.71 -7.46 32.81
CA ASN E 209 44.27 -7.66 32.68
C ASN E 209 43.93 -7.73 31.20
N VAL E 210 43.81 -8.96 30.68
CA VAL E 210 43.56 -9.20 29.27
C VAL E 210 42.07 -9.43 29.08
N ASN E 211 41.49 -8.77 28.07
CA ASN E 211 40.08 -8.90 27.75
C ASN E 211 39.93 -9.34 26.30
N HIS E 212 39.20 -10.44 26.10
CA HIS E 212 38.87 -10.95 24.78
C HIS E 212 37.36 -10.81 24.62
N LYS E 213 36.94 -9.90 23.76
CA LYS E 213 35.54 -9.48 23.69
C LYS E 213 34.65 -10.45 22.92
N PRO E 214 35.04 -10.96 21.74
CA PRO E 214 34.16 -11.92 21.05
C PRO E 214 33.82 -13.15 21.87
N SER E 215 34.71 -13.61 22.74
CA SER E 215 34.42 -14.70 23.66
C SER E 215 34.16 -14.23 25.09
N ASN E 216 34.24 -12.92 25.36
CA ASN E 216 33.92 -12.33 26.65
C ASN E 216 34.81 -12.85 27.78
N THR E 217 35.95 -13.47 27.45
CA THR E 217 36.84 -14.00 28.46
C THR E 217 37.68 -12.89 29.09
N LYS E 218 37.62 -12.80 30.41
CA LYS E 218 38.43 -11.86 31.19
C LYS E 218 39.42 -12.65 32.03
N VAL E 219 40.71 -12.54 31.68
CA VAL E 219 41.78 -13.23 32.40
C VAL E 219 42.78 -12.18 32.84
N ASP E 220 42.99 -12.07 34.15
CA ASP E 220 43.96 -11.14 34.74
C ASP E 220 45.07 -11.98 35.36
N LYS E 221 46.18 -12.11 34.64
CA LYS E 221 47.25 -13.01 35.05
C LYS E 221 48.22 -12.31 35.99
N LYS E 222 48.53 -12.99 37.10
CA LYS E 222 49.43 -12.45 38.12
C LYS E 222 50.87 -12.71 37.68
N VAL E 223 51.58 -11.66 37.30
CA VAL E 223 52.96 -11.77 36.86
C VAL E 223 53.87 -11.59 38.07
N GLU E 224 54.70 -12.60 38.33
CA GLU E 224 55.60 -12.58 39.46
C GLU E 224 57.01 -12.94 39.01
N PRO E 225 58.04 -12.46 39.70
CA PRO E 225 59.42 -12.75 39.30
C PRO E 225 59.76 -14.23 39.45
N LYS E 226 60.56 -14.73 38.51
CA LYS E 226 60.97 -16.12 38.51
C LYS E 226 61.99 -16.35 39.63
N SER E 227 61.73 -17.38 40.44
CA SER E 227 62.61 -17.68 41.57
C SER E 227 63.96 -18.19 41.10
N CYS E 228 65.02 -17.72 41.76
CA CYS E 228 66.38 -18.09 41.41
C CYS E 228 67.06 -18.82 42.57
N GLN F 1 32.83 -3.39 -7.15
CA GLN F 1 32.60 -2.25 -6.27
C GLN F 1 33.32 -0.99 -6.77
N PRO F 2 32.65 0.16 -6.60
CA PRO F 2 33.21 1.42 -7.13
C PRO F 2 34.26 2.01 -6.19
N VAL F 3 35.43 2.31 -6.75
CA VAL F 3 36.53 2.90 -6.00
C VAL F 3 37.14 4.02 -6.83
N LEU F 4 37.47 5.13 -6.19
CA LEU F 4 38.18 6.24 -6.81
C LEU F 4 39.66 5.91 -6.97
N ASN F 5 40.29 6.59 -7.92
CA ASN F 5 41.68 6.32 -8.26
C ASN F 5 42.58 7.31 -7.53
N GLN F 6 43.41 6.79 -6.64
CA GLN F 6 44.39 7.58 -5.89
C GLN F 6 45.59 6.69 -5.62
N PRO F 7 46.77 7.28 -5.42
CA PRO F 7 47.95 6.47 -5.13
C PRO F 7 47.83 5.74 -3.81
N SER F 8 48.42 4.54 -3.75
CA SER F 8 48.33 3.73 -2.55
C SER F 8 49.22 4.25 -1.44
N ALA F 9 50.44 4.68 -1.79
CA ALA F 9 51.41 5.17 -0.81
C ALA F 9 52.19 6.30 -1.42
N VAL F 10 52.49 7.32 -0.60
CA VAL F 10 53.22 8.50 -1.05
C VAL F 10 54.18 8.93 0.05
N SER F 11 55.40 9.29 -0.35
CA SER F 11 56.43 9.74 0.58
C SER F 11 56.72 11.22 0.36
N VAL F 12 56.90 11.94 1.46
CA VAL F 12 57.23 13.37 1.41
C VAL F 12 58.17 13.67 2.57
N SER F 13 59.14 14.55 2.33
CA SER F 13 60.07 14.96 3.37
C SER F 13 59.44 16.00 4.28
N LEU F 14 59.87 15.99 5.54
CA LEU F 14 59.38 16.97 6.51
C LEU F 14 59.66 18.39 6.04
N GLY F 15 58.67 19.26 6.20
CA GLY F 15 58.78 20.64 5.78
C GLY F 15 58.42 20.89 4.33
N GLN F 16 58.34 19.85 3.51
CA GLN F 16 57.94 20.00 2.12
C GLN F 16 56.43 19.92 2.02
N THR F 17 55.92 20.17 0.80
CA THR F 17 54.49 20.16 0.55
C THR F 17 54.12 18.91 -0.25
N ALA F 18 53.18 18.14 0.29
CA ALA F 18 52.69 16.93 -0.37
C ALA F 18 51.33 17.21 -0.98
N ARG F 19 51.07 16.61 -2.14
CA ARG F 19 49.80 16.80 -2.84
C ARG F 19 49.27 15.46 -3.29
N ILE F 20 48.00 15.19 -2.94
CA ILE F 20 47.34 13.94 -3.28
C ILE F 20 46.15 14.27 -4.18
N THR F 21 46.11 13.65 -5.36
CA THR F 21 45.03 13.86 -6.31
C THR F 21 44.03 12.72 -6.21
N CYS F 22 42.76 13.06 -6.42
CA CYS F 22 41.69 12.07 -6.44
C CYS F 22 41.05 12.14 -7.82
N GLN F 23 41.54 11.30 -8.72
CA GLN F 23 41.19 11.30 -10.13
C GLN F 23 40.44 10.01 -10.49
N GLY F 24 40.11 9.88 -11.77
CA GLY F 24 39.43 8.71 -12.29
C GLY F 24 37.98 8.56 -11.90
N GLY F 25 37.44 9.44 -11.06
CA GLY F 25 36.09 9.26 -10.56
C GLY F 25 35.06 10.00 -11.39
N ASN F 26 33.80 9.72 -11.08
CA ASN F 26 32.69 10.33 -11.81
C ASN F 26 32.47 11.71 -11.20
N PHE F 27 33.30 12.65 -11.67
CA PHE F 27 33.31 14.02 -11.17
C PHE F 27 32.65 14.95 -12.19
N GLY F 28 32.84 16.25 -12.01
CA GLY F 28 32.14 17.24 -12.79
C GLY F 28 30.79 17.58 -12.19
N TYR F 29 29.94 16.57 -11.97
CA TYR F 29 28.68 16.81 -11.26
C TYR F 29 28.88 17.13 -9.79
N TYR F 30 29.69 16.33 -9.09
CA TYR F 30 29.68 16.30 -7.64
C TYR F 30 30.91 16.97 -7.04
N TYR F 31 30.93 16.99 -5.70
CA TYR F 31 31.99 17.55 -4.89
C TYR F 31 32.84 16.43 -4.27
N GLY F 32 33.95 16.84 -3.67
CA GLY F 32 34.87 15.89 -3.06
C GLY F 32 35.17 16.24 -1.62
N SER F 33 35.45 15.19 -0.83
CA SER F 33 35.78 15.31 0.58
C SER F 33 36.99 14.43 0.87
N TRP F 34 37.59 14.64 2.03
CA TRP F 34 38.84 13.96 2.40
C TRP F 34 38.80 13.56 3.87
N TYR F 35 39.30 12.37 4.16
CA TYR F 35 39.36 11.85 5.52
C TYR F 35 40.79 11.44 5.85
N GLN F 36 41.18 11.66 7.11
CA GLN F 36 42.47 11.21 7.63
C GLN F 36 42.22 10.05 8.59
N GLN F 37 42.81 8.90 8.29
CA GLN F 37 42.64 7.71 9.12
C GLN F 37 43.99 7.10 9.46
N LYS F 38 44.22 6.87 10.74
CA LYS F 38 45.34 6.10 11.27
C LYS F 38 44.88 4.67 11.57
N PRO F 39 45.79 3.69 11.53
CA PRO F 39 45.37 2.30 11.72
C PRO F 39 44.71 2.07 13.07
N GLY F 40 43.57 1.39 13.04
CA GLY F 40 42.80 1.13 14.24
C GLY F 40 42.12 2.33 14.86
N GLN F 41 42.14 3.48 14.18
CA GLN F 41 41.48 4.68 14.68
C GLN F 41 40.52 5.21 13.63
N ALA F 42 39.49 5.91 14.09
CA ALA F 42 38.43 6.37 13.20
C ALA F 42 38.93 7.51 12.30
N PRO F 43 38.45 7.58 11.06
CA PRO F 43 38.79 8.70 10.19
C PRO F 43 38.21 10.01 10.70
N VAL F 44 38.85 11.10 10.28
CA VAL F 44 38.45 12.46 10.66
C VAL F 44 38.41 13.31 9.39
N LEU F 45 37.30 14.02 9.20
CA LEU F 45 37.12 14.84 8.01
C LEU F 45 38.13 15.99 7.99
N VAL F 46 38.76 16.20 6.84
CA VAL F 46 39.79 17.22 6.68
C VAL F 46 39.31 18.35 5.77
N ILE F 47 38.68 18.02 4.65
CA ILE F 47 38.21 19.00 3.68
C ILE F 47 36.81 18.59 3.23
N TYR F 48 35.92 19.58 3.05
CA TYR F 48 34.60 19.33 2.50
C TYR F 48 34.27 20.36 1.42
N LYS F 49 33.42 19.94 0.49
CA LYS F 49 32.97 20.77 -0.64
C LYS F 49 34.14 21.37 -1.42
N ASP F 50 35.30 20.69 -1.37
CA ASP F 50 36.44 20.93 -2.24
C ASP F 50 37.18 22.24 -2.00
N SER F 51 36.60 23.14 -1.21
CA SER F 51 37.26 24.43 -0.97
C SER F 51 37.46 24.71 0.50
N GLU F 52 36.42 24.55 1.30
CA GLU F 52 36.46 24.94 2.71
C GLU F 52 36.98 23.81 3.58
N ARG F 53 37.62 24.18 4.67
CA ARG F 53 38.08 23.29 5.71
C ARG F 53 37.30 23.56 7.00
N PRO F 54 36.96 22.53 7.76
CA PRO F 54 36.22 22.76 9.01
C PRO F 54 37.11 23.33 10.09
N SER F 55 36.46 23.91 11.10
CA SER F 55 37.19 24.46 12.23
C SER F 55 37.82 23.34 13.05
N GLY F 56 39.04 23.56 13.51
CA GLY F 56 39.84 22.56 14.17
C GLY F 56 40.87 21.93 13.27
N ILE F 57 40.61 21.88 11.98
CA ILE F 57 41.59 21.37 11.01
C ILE F 57 42.67 22.42 10.83
N PRO F 58 43.95 22.08 10.94
CA PRO F 58 45.00 23.10 10.86
C PRO F 58 45.05 23.76 9.49
N GLU F 59 45.64 24.95 9.48
CA GLU F 59 45.79 25.72 8.24
C GLU F 59 46.71 25.04 7.24
N ARG F 60 47.46 24.01 7.66
CA ARG F 60 48.33 23.30 6.74
C ARG F 60 47.54 22.60 5.64
N PHE F 61 46.31 22.19 5.94
CA PHE F 61 45.50 21.41 5.03
C PHE F 61 44.62 22.31 4.17
N SER F 62 44.65 22.09 2.86
CA SER F 62 43.81 22.82 1.93
C SER F 62 43.51 21.92 0.74
N GLY F 63 42.41 22.21 0.06
CA GLY F 63 41.97 21.40 -1.07
C GLY F 63 41.61 22.24 -2.27
N SER F 64 41.92 21.71 -3.45
CA SER F 64 41.56 22.32 -4.72
C SER F 64 40.90 21.26 -5.60
N SER F 65 40.12 21.74 -6.57
CA SER F 65 39.36 20.84 -7.43
C SER F 65 39.09 21.51 -8.77
N SER F 66 39.10 20.70 -9.84
CA SER F 66 38.85 21.21 -11.18
C SER F 66 38.55 20.03 -12.09
N GLY F 67 37.54 20.20 -12.94
CA GLY F 67 37.16 19.19 -13.91
C GLY F 67 36.82 17.85 -13.29
N GLY F 68 37.69 16.86 -13.51
CA GLY F 68 37.51 15.55 -12.93
C GLY F 68 38.61 15.19 -11.96
N THR F 69 39.19 16.20 -11.31
CA THR F 69 40.31 16.00 -10.41
C THR F 69 40.14 16.86 -9.17
N ALA F 70 40.54 16.30 -8.02
CA ALA F 70 40.61 17.02 -6.76
C ALA F 70 41.98 16.80 -6.16
N THR F 71 42.54 17.83 -5.53
CA THR F 71 43.90 17.79 -5.00
C THR F 71 43.88 18.12 -3.52
N LEU F 72 44.42 17.21 -2.71
CA LEU F 72 44.60 17.44 -1.29
C LEU F 72 46.00 18.01 -1.06
N THR F 73 46.08 19.11 -0.31
CA THR F 73 47.34 19.81 -0.08
C THR F 73 47.64 19.89 1.40
N ILE F 74 48.86 19.49 1.78
CA ILE F 74 49.37 19.64 3.13
C ILE F 74 50.59 20.54 3.00
N SER F 75 50.43 21.83 3.34
CA SER F 75 51.44 22.83 3.01
C SER F 75 52.72 22.64 3.82
N ARG F 76 52.60 22.48 5.13
CA ARG F 76 53.74 22.41 6.04
C ARG F 76 53.66 21.11 6.82
N ALA F 77 54.36 20.09 6.33
CA ALA F 77 54.27 18.76 6.90
C ALA F 77 54.83 18.71 8.32
N GLN F 78 54.18 17.91 9.17
CA GLN F 78 54.69 17.53 10.47
C GLN F 78 54.71 16.01 10.56
N ALA F 79 55.34 15.49 11.62
CA ALA F 79 55.48 14.04 11.75
C ALA F 79 54.13 13.37 11.95
N GLU F 80 53.23 13.98 12.73
CA GLU F 80 51.94 13.40 13.04
C GLU F 80 51.04 13.23 11.83
N ASP F 81 51.35 13.88 10.71
CA ASP F 81 50.57 13.74 9.48
C ASP F 81 50.80 12.41 8.77
N GLU F 82 51.69 11.57 9.28
CA GLU F 82 51.96 10.25 8.72
C GLU F 82 50.78 9.33 9.02
N ALA F 83 49.94 9.07 8.01
CA ALA F 83 48.72 8.29 8.20
C ALA F 83 48.18 7.89 6.82
N ASP F 84 47.00 7.26 6.82
CA ASP F 84 46.30 6.86 5.60
C ASP F 84 45.24 7.91 5.26
N TYR F 85 45.11 8.22 3.97
CA TYR F 85 44.25 9.31 3.52
C TYR F 85 43.28 8.84 2.44
N TYR F 86 41.98 9.10 2.66
CA TYR F 86 40.91 8.72 1.74
C TYR F 86 40.19 9.94 1.18
N CYS F 87 39.92 9.92 -0.12
CA CYS F 87 39.01 10.86 -0.76
C CYS F 87 37.68 10.18 -1.05
N GLN F 88 36.62 10.99 -1.13
CA GLN F 88 35.29 10.45 -1.37
C GLN F 88 34.49 11.37 -2.29
N SER F 89 33.65 10.75 -3.10
CA SER F 89 32.67 11.44 -3.93
C SER F 89 31.55 10.44 -4.23
N ALA F 90 30.74 10.74 -5.24
CA ALA F 90 29.62 9.87 -5.58
C ALA F 90 29.58 9.60 -7.07
N ASP F 91 29.11 8.41 -7.42
CA ASP F 91 28.69 8.12 -8.80
C ASP F 91 27.28 8.60 -9.07
N SER F 92 26.50 8.86 -8.02
CA SER F 92 25.13 9.34 -8.12
C SER F 92 24.69 9.81 -6.74
N SER F 93 23.74 10.75 -6.72
CA SER F 93 23.23 11.28 -5.45
C SER F 93 22.91 10.17 -4.46
N ASP F 94 22.37 9.04 -4.95
CA ASP F 94 21.99 7.93 -4.09
C ASP F 94 23.07 6.86 -4.00
N ASN F 95 24.30 7.17 -4.36
CA ASN F 95 25.36 6.17 -4.32
C ASN F 95 26.74 6.82 -4.19
N PRO F 96 27.28 6.91 -2.98
CA PRO F 96 28.64 7.43 -2.80
C PRO F 96 29.70 6.40 -3.18
N VAL F 97 30.90 6.90 -3.44
CA VAL F 97 32.07 6.07 -3.73
C VAL F 97 33.22 6.57 -2.88
N PHE F 98 34.19 5.69 -2.65
CA PHE F 98 35.35 6.01 -1.83
C PHE F 98 36.63 5.56 -2.52
N GLY F 99 37.74 6.25 -2.19
CA GLY F 99 39.01 5.97 -2.79
C GLY F 99 39.75 4.82 -2.14
N GLY F 100 40.79 4.33 -2.82
CA GLY F 100 41.58 3.22 -2.33
C GLY F 100 42.38 3.52 -1.08
N GLY F 101 42.59 4.78 -0.75
CA GLY F 101 43.38 5.13 0.42
C GLY F 101 44.84 5.37 0.12
N THR F 102 45.40 6.44 0.68
CA THR F 102 46.80 6.81 0.45
C THR F 102 47.53 6.94 1.78
N HIS F 103 48.63 6.22 1.92
CA HIS F 103 49.49 6.34 3.10
C HIS F 103 50.57 7.37 2.85
N LEU F 104 50.61 8.39 3.70
CA LEU F 104 51.60 9.46 3.61
C LEU F 104 52.73 9.16 4.58
N THR F 105 53.95 9.09 4.06
CA THR F 105 55.15 8.85 4.88
C THR F 105 55.89 10.15 5.07
N VAL F 106 56.20 10.48 6.31
CA VAL F 106 56.93 11.70 6.65
C VAL F 106 58.41 11.36 6.73
N LEU F 107 59.16 11.81 5.73
CA LEU F 107 60.58 11.50 5.63
C LEU F 107 61.42 12.45 6.47
N GLY F 108 62.71 12.17 6.53
CA GLY F 108 63.66 12.93 7.30
C GLY F 108 63.79 12.51 8.75
N GLN F 109 63.10 11.46 9.17
CA GLN F 109 63.19 11.03 10.56
C GLN F 109 64.47 10.25 10.79
N PRO F 110 65.11 10.40 11.95
CA PRO F 110 66.37 9.69 12.20
C PRO F 110 66.16 8.20 12.38
N LYS F 111 67.15 7.43 11.95
CA LYS F 111 67.09 5.98 12.06
C LYS F 111 67.29 5.56 13.52
N ALA F 112 66.71 4.43 13.90
CA ALA F 112 66.75 3.98 15.29
C ALA F 112 67.10 2.50 15.37
N ALA F 113 67.90 2.15 16.38
CA ALA F 113 68.36 0.78 16.58
C ALA F 113 67.35 -0.04 17.38
N PRO F 114 67.19 -1.32 17.09
CA PRO F 114 66.17 -2.13 17.77
C PRO F 114 66.53 -2.49 19.19
N SER F 115 65.48 -2.63 20.02
CA SER F 115 65.60 -3.12 21.38
C SER F 115 64.90 -4.48 21.46
N VAL F 116 65.63 -5.49 21.93
CA VAL F 116 65.17 -6.87 21.89
C VAL F 116 64.93 -7.38 23.31
N THR F 117 63.78 -8.02 23.51
CA THR F 117 63.43 -8.64 24.79
C THR F 117 63.02 -10.08 24.52
N LEU F 118 63.67 -11.02 25.20
CA LEU F 118 63.39 -12.44 25.05
C LEU F 118 62.85 -12.98 26.37
N PHE F 119 61.66 -13.59 26.30
CA PHE F 119 61.07 -14.22 27.47
C PHE F 119 61.16 -15.74 27.35
N PRO F 120 61.40 -16.44 28.45
CA PRO F 120 61.34 -17.90 28.42
C PRO F 120 59.91 -18.36 28.62
N PRO F 121 59.61 -19.62 28.28
CA PRO F 121 58.29 -20.16 28.60
C PRO F 121 58.09 -20.16 30.12
N SER F 122 56.92 -19.68 30.54
CA SER F 122 56.65 -19.59 31.97
C SER F 122 56.51 -20.97 32.57
N SER F 123 56.58 -21.02 33.90
CA SER F 123 56.35 -22.28 34.59
C SER F 123 54.94 -22.79 34.33
N GLU F 124 53.96 -21.87 34.29
CA GLU F 124 52.57 -22.27 34.05
C GLU F 124 52.40 -22.92 32.69
N GLU F 125 52.95 -22.29 31.64
CA GLU F 125 52.88 -22.89 30.32
C GLU F 125 53.58 -24.24 30.29
N LEU F 126 54.76 -24.32 30.90
CA LEU F 126 55.41 -25.61 31.10
C LEU F 126 54.59 -26.50 32.01
N GLN F 127 53.93 -25.91 33.01
CA GLN F 127 53.00 -26.64 33.85
C GLN F 127 51.77 -27.09 33.04
N ALA F 128 51.41 -26.33 32.02
CA ALA F 128 50.33 -26.66 31.10
C ALA F 128 50.80 -27.45 29.89
N ASN F 129 51.98 -28.06 29.96
CA ASN F 129 52.50 -28.94 28.91
C ASN F 129 52.69 -28.18 27.59
N LYS F 130 53.15 -26.94 27.69
CA LYS F 130 53.43 -26.12 26.52
C LYS F 130 54.68 -25.28 26.79
N ALA F 131 55.17 -24.61 25.74
CA ALA F 131 56.34 -23.75 25.87
C ALA F 131 56.34 -22.75 24.72
N THR F 132 56.49 -21.47 25.05
CA THR F 132 56.49 -20.42 24.03
C THR F 132 57.59 -19.42 24.32
N LEU F 133 58.45 -19.16 23.34
CA LEU F 133 59.49 -18.15 23.43
C LEU F 133 59.02 -16.90 22.68
N VAL F 134 59.19 -15.74 23.32
CA VAL F 134 58.68 -14.48 22.81
C VAL F 134 59.87 -13.56 22.57
N CYS F 135 60.14 -13.24 21.31
CA CYS F 135 61.27 -12.40 20.92
C CYS F 135 60.72 -11.08 20.38
N LEU F 136 60.89 -10.01 21.16
CA LEU F 136 60.21 -8.74 20.92
C LEU F 136 61.19 -7.66 20.49
N ILE F 137 60.85 -6.96 19.42
CA ILE F 137 61.70 -5.93 18.82
C ILE F 137 60.92 -4.63 18.78
N SER F 138 61.54 -3.53 19.26
CA SER F 138 60.88 -2.24 19.30
C SER F 138 61.87 -1.15 18.92
N ASP F 139 61.32 0.05 18.67
CA ASP F 139 62.08 1.26 18.37
C ASP F 139 63.10 1.04 17.25
N PHE F 140 62.61 0.52 16.12
CA PHE F 140 63.48 0.30 14.97
C PHE F 140 62.83 0.83 13.70
N TYR F 141 63.69 1.27 12.78
CA TYR F 141 63.32 1.99 11.57
C TYR F 141 64.36 1.67 10.49
N PRO F 142 63.96 1.12 9.33
CA PRO F 142 62.62 0.69 8.89
C PRO F 142 62.24 -0.69 9.42
N GLY F 143 61.12 -1.23 8.91
CA GLY F 143 60.52 -2.46 9.42
C GLY F 143 61.20 -3.76 9.02
N ALA F 144 61.92 -3.78 7.90
CA ALA F 144 62.46 -5.02 7.36
C ALA F 144 63.37 -5.72 8.37
N VAL F 145 62.97 -6.93 8.78
CA VAL F 145 63.69 -7.68 9.79
C VAL F 145 63.60 -9.16 9.46
N THR F 146 64.66 -9.91 9.78
CA THR F 146 64.67 -11.36 9.70
C THR F 146 65.04 -11.94 11.05
N VAL F 147 64.33 -12.99 11.45
CA VAL F 147 64.48 -13.59 12.77
C VAL F 147 65.01 -15.01 12.60
N ALA F 148 66.00 -15.37 13.42
CA ALA F 148 66.60 -16.70 13.41
C ALA F 148 66.58 -17.28 14.81
N TRP F 149 66.21 -18.56 14.90
CA TRP F 149 66.15 -19.27 16.17
C TRP F 149 67.17 -20.39 16.17
N LYS F 150 67.73 -20.70 17.34
CA LYS F 150 68.82 -21.67 17.42
C LYS F 150 68.63 -22.63 18.59
N ALA F 151 68.98 -23.90 18.37
CA ALA F 151 68.95 -24.92 19.41
C ALA F 151 70.38 -25.15 19.88
N ASP F 152 70.84 -24.22 20.72
CA ASP F 152 72.14 -24.17 21.38
C ASP F 152 73.28 -23.87 20.41
N SER F 153 73.14 -24.24 19.14
CA SER F 153 73.91 -23.64 18.06
C SER F 153 73.20 -23.79 16.71
N SER F 154 72.06 -24.48 16.72
CA SER F 154 71.52 -25.01 15.47
C SER F 154 70.26 -24.27 15.05
N PRO F 155 70.18 -23.78 13.82
CA PRO F 155 69.02 -22.98 13.42
C PRO F 155 67.74 -23.79 13.42
N VAL F 156 66.69 -23.20 13.98
CA VAL F 156 65.37 -23.80 14.04
C VAL F 156 64.39 -22.88 13.34
N LYS F 157 63.72 -23.40 12.30
CA LYS F 157 62.77 -22.64 11.53
C LYS F 157 61.35 -23.20 11.58
N ALA F 158 61.17 -24.43 12.09
CA ALA F 158 59.85 -25.00 12.25
C ALA F 158 59.25 -24.56 13.58
N GLY F 159 57.94 -24.34 13.58
CA GLY F 159 57.27 -23.84 14.76
C GLY F 159 57.47 -22.36 15.00
N VAL F 160 57.89 -21.62 13.98
CA VAL F 160 58.16 -20.19 14.09
C VAL F 160 57.01 -19.44 13.45
N GLU F 161 56.46 -18.46 14.18
CA GLU F 161 55.42 -17.58 13.66
C GLU F 161 55.89 -16.14 13.81
N THR F 162 56.08 -15.46 12.68
CA THR F 162 56.65 -14.12 12.67
C THR F 162 55.65 -13.13 12.09
N THR F 163 55.52 -11.98 12.75
CA THR F 163 54.53 -10.98 12.40
C THR F 163 54.99 -10.09 11.25
N THR F 164 54.04 -9.38 10.67
CA THR F 164 54.36 -8.28 9.76
C THR F 164 54.66 -7.03 10.58
N PRO F 165 55.75 -6.32 10.31
CA PRO F 165 56.11 -5.16 11.14
C PRO F 165 55.07 -4.06 11.07
N SER F 166 54.78 -3.45 12.22
CA SER F 166 53.81 -2.37 12.33
C SER F 166 54.35 -1.31 13.28
N LYS F 167 54.05 -0.05 12.97
CA LYS F 167 54.59 1.06 13.74
C LYS F 167 54.00 1.13 15.15
N GLN F 168 54.79 1.67 16.07
CA GLN F 168 54.40 1.92 17.44
C GLN F 168 53.75 3.30 17.57
N SER F 169 53.47 3.71 18.81
CA SER F 169 52.94 5.06 19.04
C SER F 169 53.98 6.14 18.77
N ASN F 170 55.27 5.84 18.93
CA ASN F 170 56.33 6.79 18.66
C ASN F 170 56.82 6.74 17.21
N ASN F 171 55.99 6.20 16.30
CA ASN F 171 56.30 6.17 14.87
C ASN F 171 57.54 5.34 14.57
N LYS F 172 57.69 4.21 15.27
CA LYS F 172 58.72 3.23 14.97
C LYS F 172 58.09 1.84 14.93
N TYR F 173 58.70 0.94 14.15
CA TYR F 173 58.11 -0.36 13.89
C TYR F 173 58.19 -1.26 15.11
N ALA F 174 57.37 -2.31 15.09
CA ALA F 174 57.38 -3.34 16.12
C ALA F 174 56.96 -4.67 15.49
N ALA F 175 57.66 -5.73 15.85
CA ALA F 175 57.37 -7.07 15.34
C ALA F 175 57.68 -8.10 16.42
N SER F 176 57.10 -9.29 16.26
CA SER F 176 57.29 -10.36 17.21
C SER F 176 57.36 -11.70 16.49
N SER F 177 58.06 -12.65 17.10
CA SER F 177 58.16 -14.01 16.59
C SER F 177 58.01 -14.98 17.75
N TYR F 178 57.28 -16.08 17.51
CA TYR F 178 56.98 -17.05 18.54
C TYR F 178 57.43 -18.44 18.10
N LEU F 179 58.03 -19.19 19.03
CA LEU F 179 58.53 -20.53 18.74
C LEU F 179 57.80 -21.54 19.62
N SER F 180 57.11 -22.48 18.99
CA SER F 180 56.37 -23.53 19.71
C SER F 180 57.26 -24.75 19.90
N LEU F 181 57.55 -25.09 21.16
CA LEU F 181 58.33 -26.27 21.51
C LEU F 181 57.70 -26.93 22.73
N THR F 182 58.12 -28.16 22.99
CA THR F 182 57.63 -28.92 24.12
C THR F 182 58.56 -28.77 25.32
N PRO F 183 58.06 -28.98 26.54
CA PRO F 183 58.95 -28.93 27.71
C PRO F 183 60.09 -29.93 27.67
N GLU F 184 59.97 -31.02 26.89
CA GLU F 184 61.08 -31.94 26.72
C GLU F 184 62.25 -31.25 26.04
N GLN F 185 62.00 -30.67 24.85
CA GLN F 185 63.02 -29.91 24.16
C GLN F 185 63.53 -28.77 25.04
N TRP F 186 62.63 -28.18 25.83
CA TRP F 186 63.00 -27.06 26.69
C TRP F 186 64.01 -27.51 27.74
N LYS F 187 63.72 -28.61 28.43
CA LYS F 187 64.62 -29.12 29.45
C LYS F 187 65.81 -29.86 28.87
N SER F 188 65.67 -30.44 27.67
CA SER F 188 66.75 -31.23 27.09
C SER F 188 67.89 -30.37 26.56
N HIS F 189 67.62 -29.11 26.23
CA HIS F 189 68.63 -28.24 25.66
C HIS F 189 69.16 -27.28 26.71
N ARG F 190 70.41 -26.87 26.53
CA ARG F 190 71.07 -26.01 27.50
C ARG F 190 70.49 -24.59 27.47
N SER F 191 70.11 -24.12 26.29
CA SER F 191 69.59 -22.76 26.12
C SER F 191 68.92 -22.67 24.76
N TYR F 192 68.28 -21.53 24.52
CA TYR F 192 67.68 -21.24 23.22
C TYR F 192 67.91 -19.77 22.91
N SER F 193 68.11 -19.48 21.62
CA SER F 193 68.54 -18.16 21.18
C SER F 193 67.62 -17.62 20.10
N CYS F 194 67.49 -16.31 20.06
CA CYS F 194 66.76 -15.59 19.02
C CYS F 194 67.73 -14.64 18.35
N GLN F 195 68.06 -14.90 17.09
CA GLN F 195 68.99 -14.09 16.33
C GLN F 195 68.19 -13.24 15.35
N VAL F 196 68.28 -11.92 15.50
CA VAL F 196 67.49 -10.97 14.73
C VAL F 196 68.43 -10.14 13.87
N THR F 197 68.10 -10.02 12.58
CA THR F 197 68.88 -9.21 11.65
C THR F 197 68.03 -8.05 11.17
N HIS F 198 68.58 -6.85 11.26
CA HIS F 198 67.92 -5.62 10.82
C HIS F 198 68.98 -4.71 10.23
N GLU F 199 68.82 -4.34 8.96
CA GLU F 199 69.80 -3.55 8.23
C GLU F 199 71.18 -4.21 8.27
N GLY F 200 71.20 -5.54 8.24
CA GLY F 200 72.43 -6.32 8.31
C GLY F 200 72.91 -6.58 9.72
N SER F 201 72.81 -5.59 10.60
CA SER F 201 73.25 -5.73 11.97
C SER F 201 72.43 -6.77 12.72
N THR F 202 73.03 -7.34 13.76
CA THR F 202 72.42 -8.41 14.53
C THR F 202 72.44 -8.07 16.02
N VAL F 203 71.38 -8.50 16.70
CA VAL F 203 71.25 -8.36 18.15
C VAL F 203 70.57 -9.62 18.66
N GLU F 204 71.17 -10.27 19.65
CA GLU F 204 70.71 -11.56 20.12
C GLU F 204 70.44 -11.55 21.62
N LYS F 205 69.46 -12.36 22.02
CA LYS F 205 69.16 -12.62 23.42
C LYS F 205 68.95 -14.11 23.60
N THR F 206 69.31 -14.62 24.78
CA THR F 206 69.33 -16.05 25.05
C THR F 206 68.83 -16.31 26.46
N VAL F 207 68.13 -17.45 26.62
CA VAL F 207 67.60 -17.87 27.91
C VAL F 207 67.91 -19.35 28.09
N ALA F 208 67.96 -19.78 29.35
CA ALA F 208 68.26 -21.16 29.69
C ALA F 208 67.22 -21.72 30.64
N PRO F 209 66.80 -22.99 30.46
CA PRO F 209 65.69 -23.52 31.26
C PRO F 209 65.96 -23.68 32.74
N THR F 210 66.98 -24.47 33.10
CA THR F 210 67.23 -24.76 34.52
C THR F 210 67.79 -23.56 35.27
N GLU F 211 68.42 -22.64 34.57
CA GLU F 211 69.09 -21.49 35.16
C GLU F 211 68.19 -20.27 35.07
N CYS F 212 67.91 -19.64 36.22
CA CYS F 212 67.02 -18.49 36.25
C CYS F 212 67.67 -17.30 35.56
N SER F 213 66.91 -16.62 34.72
CA SER F 213 67.44 -15.50 33.95
C SER F 213 66.84 -14.17 34.40
#